data_5ZM8
#
_entry.id   5ZM8
#
_cell.length_a   156.160
_cell.length_b   156.160
_cell.length_c   199.221
_cell.angle_alpha   90.00
_cell.angle_beta   90.00
_cell.angle_gamma   90.00
#
_symmetry.space_group_name_H-M   'I 4 2 2'
#
loop_
_entity.id
_entity.type
_entity.pdbx_description
1 polymer 'Oxysterol-binding protein-related protein 2'
2 non-polymer '[(2~{S})-1-octadecanoyloxy-3-[oxidanyl-[(1~{R},2~{R},3~{S},4~{S},5~{S},6~{S})-2,3,6-tris(oxidanyl)-4,5-diphosphonooxy-cyclohexyl]oxy-phosphoryl]oxy-propan-2-yl] icosa-5,8,11,14-tetraenoate'
3 water water
#
_entity_poly.entity_id   1
_entity_poly.type   'polypeptide(L)'
_entity_poly.pdbx_seq_one_letter_code
;MGSSHHHHHHSQDLEVLFQGPHMERPSQENGIQKHRTSLPAPMFSRSDFSVWTILKKCVGLELSKITMPIAFNEPLSFLQ
RITEYMEHVYLIHRASCQPQPLERMQSVAAFAVSAVASQWERTGKPFNPLLGETYELIREDLGFRFISEQVSHHPPISAF
HSEGLNHDFLFHGSIYPKLKFWGKSVEAEPRGTITLELLKHNEAYTWTNPTCCVHNVIIGKLWIEQYGTVEILNHRTGHK
CVLHFKPCGLFGKELHKVEGHIQDKNKKKLFMIYGKWTECLWGIDPVSYESFKKQERRGDHLRKAKLDEDSGKADSDVAD
DVPVAQETVQVIPGSKLLWRINTRPPNSAQMYNFTSFTVSLNELETGMEKTLPPTDCRLRPDIRGMENGNMDLASQEKER
LEEKQREARRERAKEEAEWQTRWFYPGNNPYTGTPDWLYAGDYFERNFSDCPDIY
;
_entity_poly.pdbx_strand_id   A,B
#
loop_
_chem_comp.id
_chem_comp.type
_chem_comp.name
_chem_comp.formula
IEP non-polymer '[(2~{S})-1-octadecanoyloxy-3-[oxidanyl-[(1~{R},2~{R},3~{S},4~{S},5~{S},6~{S})-2,3,6-tris(oxidanyl)-4,5-diphosphonooxy-cyclohexyl]oxy-phosphoryl]oxy-propan-2-yl] icosa-5,8,11,14-tetraenoate' 'C47 H85 O19 P3'
#
# COMPACT_ATOMS: atom_id res chain seq x y z
N LYS A 34 -78.87 10.00 -9.57
CA LYS A 34 -78.09 9.11 -8.72
C LYS A 34 -76.66 9.62 -8.59
N HIS A 35 -75.83 9.29 -9.58
CA HIS A 35 -74.46 9.80 -9.66
C HIS A 35 -74.35 10.66 -10.91
N ARG A 36 -73.77 11.85 -10.74
CA ARG A 36 -73.65 12.78 -11.86
C ARG A 36 -72.75 12.19 -12.95
N THR A 37 -73.02 12.60 -14.20
CA THR A 37 -72.31 12.07 -15.35
C THR A 37 -71.43 13.09 -16.04
N SER A 38 -71.34 14.31 -15.52
CA SER A 38 -70.54 15.35 -16.15
C SER A 38 -70.04 16.32 -15.08
N LEU A 39 -69.09 17.16 -15.48
CA LEU A 39 -68.59 18.22 -14.63
C LEU A 39 -69.34 19.51 -14.91
N PRO A 40 -69.50 20.37 -13.89
CA PRO A 40 -70.29 21.60 -14.07
C PRO A 40 -69.83 22.47 -15.23
N ALA A 41 -68.53 22.68 -15.38
CA ALA A 41 -68.02 23.51 -16.46
C ALA A 41 -67.04 22.72 -17.32
N PRO A 42 -66.96 23.03 -18.61
CA PRO A 42 -65.96 22.38 -19.47
C PRO A 42 -64.55 22.71 -19.00
N MET A 43 -63.59 21.98 -19.57
CA MET A 43 -62.19 22.18 -19.20
C MET A 43 -61.75 23.60 -19.50
N PHE A 44 -60.93 24.15 -18.59
CA PHE A 44 -60.49 25.54 -18.74
C PHE A 44 -59.75 25.75 -20.06
N SER A 45 -59.01 24.75 -20.52
CA SER A 45 -58.27 24.84 -21.78
C SER A 45 -58.38 23.49 -22.49
N ARG A 46 -59.13 23.46 -23.60
CA ARG A 46 -59.34 22.22 -24.33
C ARG A 46 -58.24 22.07 -25.37
N SER A 47 -57.05 22.52 -25.04
CA SER A 47 -55.91 22.49 -25.93
C SER A 47 -54.80 21.62 -25.36
N ASP A 48 -54.06 20.99 -26.26
CA ASP A 48 -52.87 20.22 -25.89
C ASP A 48 -51.79 21.19 -25.42
N PHE A 49 -51.55 21.25 -24.11
CA PHE A 49 -50.62 22.20 -23.54
C PHE A 49 -49.50 21.44 -22.83
N SER A 50 -48.26 21.90 -23.04
CA SER A 50 -47.10 21.37 -22.36
C SER A 50 -46.30 22.55 -21.82
N VAL A 51 -45.04 22.32 -21.48
CA VAL A 51 -44.19 23.40 -20.98
C VAL A 51 -43.90 24.39 -22.10
N TRP A 52 -43.47 23.88 -23.26
CA TRP A 52 -43.14 24.75 -24.38
C TRP A 52 -44.34 25.56 -24.86
N THR A 53 -45.54 24.98 -24.77
CA THR A 53 -46.74 25.72 -25.16
C THR A 53 -47.07 26.82 -24.14
N ILE A 54 -46.90 26.52 -22.85
CA ILE A 54 -47.20 27.51 -21.82
C ILE A 54 -46.27 28.71 -21.95
N LEU A 55 -44.98 28.46 -22.12
CA LEU A 55 -44.02 29.56 -22.26
C LEU A 55 -44.31 30.41 -23.49
N LYS A 56 -44.82 29.79 -24.56
CA LYS A 56 -45.07 30.54 -25.78
C LYS A 56 -46.34 31.38 -25.68
N LYS A 57 -47.40 30.84 -25.09
CA LYS A 57 -48.68 31.55 -25.04
C LYS A 57 -48.78 32.51 -23.86
N CYS A 58 -48.31 32.11 -22.68
CA CYS A 58 -48.48 32.93 -21.48
C CYS A 58 -47.39 34.00 -21.40
N VAL A 59 -46.13 33.59 -21.44
CA VAL A 59 -45.02 34.52 -21.52
C VAL A 59 -44.69 34.73 -23.00
N GLY A 60 -43.70 35.56 -23.29
CA GLY A 60 -43.32 35.81 -24.65
C GLY A 60 -42.22 34.92 -25.19
N LEU A 61 -41.79 33.92 -24.43
CA LEU A 61 -40.63 33.12 -24.77
C LEU A 61 -41.03 31.89 -25.59
N GLU A 62 -40.46 31.77 -26.78
CA GLU A 62 -40.53 30.55 -27.56
C GLU A 62 -39.16 29.88 -27.52
N LEU A 63 -39.13 28.64 -27.05
CA LEU A 63 -37.87 27.93 -26.84
C LEU A 63 -37.57 27.00 -28.01
N SER A 64 -36.28 26.82 -28.28
CA SER A 64 -35.82 25.89 -29.31
C SER A 64 -34.91 24.80 -28.78
N LYS A 65 -34.38 24.95 -27.56
CA LYS A 65 -33.48 23.94 -26.99
C LYS A 65 -33.32 24.15 -25.48
N ILE A 66 -33.49 23.09 -24.69
CA ILE A 66 -33.25 23.13 -23.25
C ILE A 66 -32.18 22.10 -22.94
N THR A 67 -30.97 22.56 -22.67
CA THR A 67 -29.82 21.68 -22.46
C THR A 67 -29.17 21.99 -21.12
N MET A 68 -28.09 21.26 -20.83
CA MET A 68 -27.36 21.39 -19.58
C MET A 68 -26.33 22.51 -19.70
N PRO A 69 -26.44 23.58 -18.91
CA PRO A 69 -25.42 24.63 -18.96
C PRO A 69 -24.08 24.12 -18.43
N ILE A 70 -23.01 24.62 -19.05
CA ILE A 70 -21.65 24.14 -18.76
C ILE A 70 -21.19 24.45 -17.34
N ALA A 71 -21.89 25.35 -16.64
CA ALA A 71 -21.45 25.72 -15.29
C ALA A 71 -21.51 24.52 -14.35
N PHE A 72 -22.53 23.68 -14.48
CA PHE A 72 -22.68 22.52 -13.62
C PHE A 72 -21.70 21.40 -13.95
N ASN A 73 -20.89 21.55 -14.99
CA ASN A 73 -19.98 20.49 -15.40
C ASN A 73 -18.65 20.57 -14.65
N GLU A 74 -17.83 19.55 -14.85
CA GLU A 74 -16.48 19.49 -14.33
C GLU A 74 -15.53 19.05 -15.44
N PRO A 75 -14.29 19.54 -15.45
CA PRO A 75 -13.35 19.16 -16.52
C PRO A 75 -13.04 17.67 -16.49
N LEU A 76 -14.00 16.86 -16.92
CA LEU A 76 -13.90 15.41 -16.77
C LEU A 76 -14.97 14.72 -17.61
N SER A 77 -14.55 13.80 -18.46
CA SER A 77 -15.50 12.95 -19.17
C SER A 77 -16.05 11.88 -18.23
N PHE A 78 -17.27 11.44 -18.51
CA PHE A 78 -17.82 10.35 -17.72
C PHE A 78 -17.04 9.05 -17.93
N LEU A 79 -16.41 8.91 -19.11
CA LEU A 79 -15.50 7.78 -19.32
C LEU A 79 -14.33 7.84 -18.35
N GLN A 80 -13.85 9.04 -18.04
CA GLN A 80 -12.79 9.21 -17.06
C GLN A 80 -13.33 9.11 -15.63
N ARG A 81 -14.61 9.44 -15.43
CA ARG A 81 -15.22 9.25 -14.11
C ARG A 81 -15.25 7.78 -13.73
N ILE A 82 -15.46 6.90 -14.71
CA ILE A 82 -15.44 5.46 -14.44
C ILE A 82 -14.03 5.00 -14.11
N THR A 83 -13.02 5.63 -14.72
CA THR A 83 -11.63 5.24 -14.49
C THR A 83 -11.22 5.44 -13.03
N GLU A 84 -11.92 6.31 -12.30
CA GLU A 84 -11.62 6.50 -10.88
C GLU A 84 -11.91 5.27 -10.04
N TYR A 85 -12.56 4.25 -10.61
CA TYR A 85 -12.69 2.98 -9.90
C TYR A 85 -11.33 2.34 -9.65
N MET A 86 -10.36 2.62 -10.52
CA MET A 86 -9.03 2.02 -10.42
C MET A 86 -8.13 2.75 -9.42
N GLU A 87 -8.60 3.80 -8.78
CA GLU A 87 -7.78 4.51 -7.80
C GLU A 87 -7.38 3.59 -6.66
N HIS A 88 -8.27 2.68 -6.26
CA HIS A 88 -8.02 1.72 -5.20
C HIS A 88 -7.79 0.32 -5.75
N VAL A 89 -7.04 0.24 -6.85
CA VAL A 89 -6.73 -1.05 -7.46
C VAL A 89 -5.87 -1.91 -6.53
N TYR A 90 -5.19 -1.29 -5.57
CA TYR A 90 -4.41 -2.06 -4.61
C TYR A 90 -5.28 -3.02 -3.79
N LEU A 91 -6.58 -2.73 -3.68
CA LEU A 91 -7.48 -3.66 -3.01
C LEU A 91 -7.76 -4.88 -3.88
N ILE A 92 -7.68 -4.74 -5.20
CA ILE A 92 -7.78 -5.90 -6.08
C ILE A 92 -6.50 -6.71 -6.03
N HIS A 93 -5.35 -6.04 -6.05
CA HIS A 93 -4.07 -6.72 -5.84
C HIS A 93 -4.07 -7.46 -4.51
N ARG A 94 -4.62 -6.83 -3.47
CA ARG A 94 -4.68 -7.46 -2.16
C ARG A 94 -5.62 -8.67 -2.17
N ALA A 95 -6.76 -8.55 -2.84
CA ALA A 95 -7.69 -9.67 -2.93
C ALA A 95 -7.12 -10.82 -3.73
N SER A 96 -6.30 -10.52 -4.75
CA SER A 96 -5.74 -11.57 -5.59
C SER A 96 -4.70 -12.41 -4.87
N CYS A 97 -4.10 -11.90 -3.79
CA CYS A 97 -3.07 -12.61 -3.06
C CYS A 97 -3.57 -13.11 -1.69
N GLN A 98 -4.88 -13.31 -1.56
CA GLN A 98 -5.40 -13.93 -0.36
C GLN A 98 -5.72 -15.40 -0.62
N PRO A 99 -5.37 -16.30 0.30
CA PRO A 99 -5.56 -17.73 0.02
C PRO A 99 -7.01 -18.16 -0.03
N GLN A 100 -7.84 -17.70 0.91
CA GLN A 100 -9.18 -18.21 1.10
C GLN A 100 -10.24 -17.25 0.54
N PRO A 101 -11.42 -17.78 0.16
CA PRO A 101 -12.44 -16.91 -0.44
C PRO A 101 -13.04 -15.89 0.52
N LEU A 102 -13.00 -16.15 1.83
CA LEU A 102 -13.57 -15.20 2.78
C LEU A 102 -12.77 -13.90 2.78
N GLU A 103 -11.45 -14.00 2.85
CA GLU A 103 -10.62 -12.80 2.91
C GLU A 103 -10.59 -12.06 1.58
N ARG A 104 -10.81 -12.77 0.47
CA ARG A 104 -10.87 -12.10 -0.83
C ARG A 104 -12.13 -11.25 -0.95
N MET A 105 -13.26 -11.78 -0.49
CA MET A 105 -14.50 -11.01 -0.51
C MET A 105 -14.40 -9.77 0.36
N GLN A 106 -13.63 -9.84 1.44
CA GLN A 106 -13.44 -8.66 2.30
C GLN A 106 -12.74 -7.55 1.55
N SER A 107 -11.79 -7.90 0.67
CA SER A 107 -11.12 -6.90 -0.14
C SER A 107 -11.91 -6.52 -1.38
N VAL A 108 -12.70 -7.45 -1.92
CA VAL A 108 -13.59 -7.11 -3.03
C VAL A 108 -14.68 -6.16 -2.56
N ALA A 109 -15.23 -6.40 -1.37
CA ALA A 109 -16.22 -5.49 -0.82
C ALA A 109 -15.60 -4.13 -0.50
N ALA A 110 -14.38 -4.12 0.02
CA ALA A 110 -13.70 -2.85 0.30
C ALA A 110 -13.42 -2.10 -1.00
N PHE A 111 -13.12 -2.82 -2.08
CA PHE A 111 -12.87 -2.15 -3.36
C PHE A 111 -14.15 -1.56 -3.92
N ALA A 112 -15.27 -2.30 -3.85
CA ALA A 112 -16.52 -1.79 -4.38
C ALA A 112 -17.00 -0.56 -3.61
N VAL A 113 -16.77 -0.53 -2.30
CA VAL A 113 -17.12 0.63 -1.50
C VAL A 113 -16.20 1.79 -1.81
N SER A 114 -14.90 1.52 -2.02
CA SER A 114 -13.94 2.57 -2.30
C SER A 114 -14.19 3.25 -3.64
N ALA A 115 -14.86 2.57 -4.58
CA ALA A 115 -15.09 3.14 -5.90
C ALA A 115 -16.05 4.32 -5.83
N VAL A 116 -16.96 4.34 -4.85
CA VAL A 116 -17.92 5.42 -4.71
C VAL A 116 -17.44 6.52 -3.77
N ALA A 117 -16.30 6.33 -3.10
CA ALA A 117 -15.85 7.27 -2.09
C ALA A 117 -15.46 8.62 -2.68
N SER A 118 -15.02 8.64 -3.94
CA SER A 118 -14.57 9.88 -4.56
C SER A 118 -15.72 10.86 -4.83
N GLN A 119 -16.98 10.41 -4.72
CA GLN A 119 -18.11 11.30 -4.95
C GLN A 119 -18.27 12.35 -3.86
N TRP A 120 -17.66 12.14 -2.70
CA TRP A 120 -17.83 13.05 -1.56
C TRP A 120 -17.39 14.46 -1.95
N GLU A 121 -18.31 15.41 -1.80
CA GLU A 121 -18.11 16.83 -2.12
C GLU A 121 -17.82 17.06 -3.61
N ARG A 122 -18.13 16.07 -4.46
CA ARG A 122 -18.00 16.22 -5.91
C ARG A 122 -19.39 16.46 -6.47
N THR A 123 -19.75 17.74 -6.63
CA THR A 123 -21.06 18.12 -7.12
C THR A 123 -21.04 18.59 -8.57
N GLY A 124 -19.89 18.54 -9.23
CA GLY A 124 -19.83 18.84 -10.65
C GLY A 124 -20.19 17.62 -11.49
N LYS A 125 -20.90 17.86 -12.59
CA LYS A 125 -21.33 16.76 -13.43
C LYS A 125 -20.27 16.48 -14.50
N PRO A 126 -19.80 15.25 -14.65
CA PRO A 126 -18.89 14.93 -15.75
C PRO A 126 -19.57 15.14 -17.10
N PHE A 127 -18.76 15.48 -18.09
CA PHE A 127 -19.30 15.73 -19.43
C PHE A 127 -19.96 14.47 -19.98
N ASN A 128 -21.11 14.66 -20.62
CA ASN A 128 -21.75 13.57 -21.33
C ASN A 128 -20.92 13.22 -22.56
N PRO A 129 -20.28 12.06 -22.61
CA PRO A 129 -19.34 11.78 -23.71
C PRO A 129 -20.06 11.53 -25.03
N LEU A 130 -19.41 11.99 -26.10
CA LEU A 130 -19.96 11.82 -27.44
C LEU A 130 -19.97 10.35 -27.84
N LEU A 131 -20.85 10.02 -28.78
CA LEU A 131 -20.90 8.67 -29.32
C LEU A 131 -19.60 8.36 -30.05
N GLY A 132 -18.96 7.27 -29.66
CA GLY A 132 -17.66 6.90 -30.19
C GLY A 132 -16.48 7.41 -29.39
N GLU A 133 -16.72 8.20 -28.35
CA GLU A 133 -15.63 8.68 -27.52
C GLU A 133 -14.97 7.53 -26.77
N THR A 134 -13.66 7.62 -26.59
CA THR A 134 -12.90 6.59 -25.89
C THR A 134 -11.97 7.24 -24.87
N TYR A 135 -11.49 6.41 -23.94
CA TYR A 135 -10.47 6.84 -23.01
C TYR A 135 -9.64 5.64 -22.59
N GLU A 136 -8.32 5.77 -22.69
CA GLU A 136 -7.40 4.74 -22.24
C GLU A 136 -6.52 5.29 -21.13
N LEU A 137 -6.14 4.41 -20.21
CA LEU A 137 -5.20 4.75 -19.15
C LEU A 137 -4.33 3.54 -18.86
N ILE A 138 -3.03 3.70 -19.10
CA ILE A 138 -2.04 2.67 -18.79
C ILE A 138 -1.25 3.15 -17.57
N ARG A 139 -1.20 2.32 -16.53
CA ARG A 139 -0.46 2.63 -15.31
C ARG A 139 0.38 1.41 -14.96
N GLU A 140 1.64 1.41 -15.41
CA GLU A 140 2.55 0.32 -15.09
C GLU A 140 2.83 0.25 -13.59
N ASP A 141 2.91 1.40 -12.94
CA ASP A 141 3.19 1.43 -11.51
C ASP A 141 2.05 0.88 -10.67
N LEU A 142 0.83 0.87 -11.20
CA LEU A 142 -0.32 0.32 -10.50
C LEU A 142 -0.76 -1.03 -11.02
N GLY A 143 -0.22 -1.48 -12.16
CA GLY A 143 -0.47 -2.83 -12.63
C GLY A 143 -1.75 -3.03 -13.40
N PHE A 144 -2.16 -2.05 -14.21
CA PHE A 144 -3.36 -2.19 -15.00
C PHE A 144 -3.29 -1.29 -16.22
N ARG A 145 -3.98 -1.70 -17.28
CA ARG A 145 -4.27 -0.84 -18.42
C ARG A 145 -5.78 -0.78 -18.61
N PHE A 146 -6.29 0.41 -18.89
CA PHE A 146 -7.71 0.68 -18.89
C PHE A 146 -8.16 1.15 -20.27
N ILE A 147 -9.36 0.76 -20.65
CA ILE A 147 -9.97 1.22 -21.90
C ILE A 147 -11.47 1.33 -21.71
N SER A 148 -12.03 2.47 -22.09
CA SER A 148 -13.47 2.71 -22.04
C SER A 148 -13.91 3.33 -23.37
N GLU A 149 -15.15 3.04 -23.75
CA GLU A 149 -15.72 3.56 -24.98
C GLU A 149 -17.16 3.96 -24.75
N GLN A 150 -17.54 5.14 -25.22
CA GLN A 150 -18.93 5.57 -25.15
C GLN A 150 -19.70 4.84 -26.23
N VAL A 151 -20.38 3.76 -25.84
CA VAL A 151 -20.93 2.81 -26.79
C VAL A 151 -22.31 3.21 -27.31
N SER A 152 -23.02 4.10 -26.61
CA SER A 152 -24.33 4.55 -27.06
C SER A 152 -24.53 5.98 -26.59
N HIS A 153 -25.53 6.64 -27.17
CA HIS A 153 -25.89 8.00 -26.78
C HIS A 153 -27.35 8.12 -26.35
N HIS A 154 -28.25 7.36 -26.96
CA HIS A 154 -29.66 7.32 -26.57
C HIS A 154 -30.04 5.87 -26.33
N PRO A 155 -29.93 5.39 -25.08
CA PRO A 155 -29.47 6.13 -23.92
C PRO A 155 -27.94 6.15 -23.80
N PRO A 156 -27.39 7.07 -23.01
CA PRO A 156 -25.92 7.12 -22.84
C PRO A 156 -25.43 5.88 -22.11
N ILE A 157 -24.57 5.11 -22.77
CA ILE A 157 -23.99 3.90 -22.20
C ILE A 157 -22.48 3.96 -22.36
N SER A 158 -21.77 3.62 -21.28
CA SER A 158 -20.31 3.64 -21.26
C SER A 158 -19.81 2.25 -20.88
N ALA A 159 -19.07 1.61 -21.79
CA ALA A 159 -18.49 0.31 -21.55
C ALA A 159 -17.00 0.48 -21.24
N PHE A 160 -16.54 -0.22 -20.20
CA PHE A 160 -15.16 -0.12 -19.77
C PHE A 160 -14.58 -1.52 -19.55
N HIS A 161 -13.27 -1.64 -19.79
CA HIS A 161 -12.55 -2.87 -19.54
C HIS A 161 -11.16 -2.54 -18.99
N SER A 162 -10.74 -3.28 -17.98
CA SER A 162 -9.43 -3.09 -17.36
C SER A 162 -8.87 -4.45 -16.98
N GLU A 163 -7.63 -4.72 -17.39
CA GLU A 163 -6.98 -5.98 -17.06
C GLU A 163 -5.66 -5.70 -16.35
N GLY A 164 -5.31 -6.61 -15.43
CA GLY A 164 -4.07 -6.47 -14.70
C GLY A 164 -2.87 -6.75 -15.59
N LEU A 165 -1.82 -5.96 -15.41
CA LEU A 165 -0.60 -6.12 -16.19
C LEU A 165 0.25 -7.30 -15.74
N ASN A 166 -0.19 -8.05 -14.73
CA ASN A 166 0.54 -9.22 -14.26
C ASN A 166 -0.35 -10.46 -14.28
N HIS A 167 -1.31 -10.50 -15.22
CA HIS A 167 -2.16 -11.67 -15.43
C HIS A 167 -2.91 -12.05 -14.16
N ASP A 168 -3.47 -11.06 -13.47
CA ASP A 168 -4.07 -11.29 -12.17
C ASP A 168 -5.58 -11.02 -12.13
N PHE A 169 -6.06 -9.97 -12.77
CA PHE A 169 -7.48 -9.64 -12.68
C PHE A 169 -8.00 -9.07 -13.99
N LEU A 170 -9.29 -9.28 -14.22
CA LEU A 170 -10.05 -8.62 -15.27
C LEU A 170 -11.18 -7.84 -14.62
N PHE A 171 -11.31 -6.56 -14.99
CA PHE A 171 -12.31 -5.67 -14.41
C PHE A 171 -13.02 -4.94 -15.55
N HIS A 172 -14.31 -5.24 -15.73
CA HIS A 172 -15.06 -4.67 -16.85
C HIS A 172 -16.52 -4.52 -16.47
N GLY A 173 -17.26 -3.84 -17.33
CA GLY A 173 -18.67 -3.62 -17.12
C GLY A 173 -19.19 -2.53 -18.05
N SER A 174 -20.45 -2.17 -17.83
CA SER A 174 -21.10 -1.10 -18.59
C SER A 174 -21.98 -0.29 -17.64
N ILE A 175 -22.06 1.00 -17.90
CA ILE A 175 -22.76 1.92 -17.02
C ILE A 175 -23.76 2.73 -17.84
N TYR A 176 -25.04 2.64 -17.48
CA TYR A 176 -26.06 3.57 -17.94
C TYR A 176 -26.41 4.49 -16.78
N PRO A 177 -25.87 5.72 -16.73
CA PRO A 177 -26.21 6.63 -15.63
C PRO A 177 -27.58 7.27 -15.82
N LYS A 178 -28.59 6.77 -15.12
CA LYS A 178 -29.94 7.29 -15.22
C LYS A 178 -30.10 8.43 -14.22
N LEU A 179 -30.17 9.65 -14.73
CA LEU A 179 -30.34 10.83 -13.89
C LEU A 179 -31.83 11.12 -13.72
N LYS A 180 -32.25 11.31 -12.48
CA LYS A 180 -33.64 11.62 -12.17
C LYS A 180 -33.68 12.77 -11.17
N PHE A 181 -34.56 13.73 -11.42
CA PHE A 181 -34.63 14.95 -10.62
C PHE A 181 -36.05 15.21 -10.14
N TRP A 182 -36.17 15.64 -8.89
CA TRP A 182 -37.42 16.13 -8.34
C TRP A 182 -37.16 16.80 -7.00
N GLY A 183 -37.84 17.92 -6.76
CA GLY A 183 -37.69 18.64 -5.51
C GLY A 183 -36.40 19.42 -5.41
N LYS A 184 -35.60 19.11 -4.38
CA LYS A 184 -34.31 19.76 -4.18
C LYS A 184 -33.14 18.90 -4.63
N SER A 185 -33.38 17.67 -5.07
CA SER A 185 -32.30 16.70 -5.25
C SER A 185 -32.33 16.09 -6.65
N VAL A 186 -31.16 15.63 -7.08
CA VAL A 186 -30.98 14.94 -8.35
C VAL A 186 -30.40 13.57 -8.05
N GLU A 187 -31.14 12.52 -8.37
CA GLU A 187 -30.66 11.16 -8.22
C GLU A 187 -29.91 10.72 -9.48
N ALA A 188 -28.85 9.95 -9.29
CA ALA A 188 -28.06 9.39 -10.38
C ALA A 188 -27.86 7.91 -10.10
N GLU A 189 -28.55 7.05 -10.83
CA GLU A 189 -28.45 5.62 -10.65
C GLU A 189 -27.52 5.04 -11.71
N PRO A 190 -26.30 4.63 -11.36
CA PRO A 190 -25.40 3.99 -12.35
C PRO A 190 -25.81 2.55 -12.65
N ARG A 191 -26.80 2.40 -13.51
CA ARG A 191 -27.29 1.09 -13.89
C ARG A 191 -26.23 0.35 -14.70
N GLY A 192 -26.13 -0.95 -14.49
CA GLY A 192 -25.17 -1.79 -15.17
C GLY A 192 -24.51 -2.75 -14.21
N THR A 193 -23.95 -3.82 -14.76
CA THR A 193 -23.32 -4.88 -13.98
C THR A 193 -21.82 -4.69 -13.97
N ILE A 194 -21.24 -4.63 -12.77
CA ILE A 194 -19.80 -4.56 -12.60
C ILE A 194 -19.27 -5.97 -12.44
N THR A 195 -18.20 -6.30 -13.15
CA THR A 195 -17.65 -7.65 -13.14
C THR A 195 -16.16 -7.60 -12.79
N LEU A 196 -15.78 -8.36 -11.77
CA LEU A 196 -14.38 -8.49 -11.35
C LEU A 196 -13.99 -9.96 -11.41
N GLU A 197 -13.05 -10.29 -12.29
CA GLU A 197 -12.60 -11.66 -12.49
C GLU A 197 -11.19 -11.80 -11.93
N LEU A 198 -11.05 -12.57 -10.85
CA LEU A 198 -9.75 -12.88 -10.27
C LEU A 198 -9.17 -14.08 -11.00
N LEU A 199 -8.13 -13.85 -11.80
CA LEU A 199 -7.61 -14.89 -12.69
C LEU A 199 -6.95 -16.01 -11.90
N LYS A 200 -6.02 -15.67 -11.01
CA LYS A 200 -5.24 -16.68 -10.28
C LYS A 200 -6.09 -17.49 -9.30
N HIS A 201 -7.38 -17.22 -9.19
CA HIS A 201 -8.27 -18.01 -8.36
C HIS A 201 -9.44 -18.58 -9.13
N ASN A 202 -9.57 -18.27 -10.42
CA ASN A 202 -10.59 -18.85 -11.30
C ASN A 202 -12.00 -18.60 -10.76
N GLU A 203 -12.28 -17.33 -10.43
CA GLU A 203 -13.58 -16.95 -9.91
C GLU A 203 -13.91 -15.56 -10.41
N ALA A 204 -15.18 -15.18 -10.26
CA ALA A 204 -15.67 -13.90 -10.75
C ALA A 204 -16.66 -13.32 -9.75
N TYR A 205 -16.62 -11.99 -9.60
CA TYR A 205 -17.52 -11.25 -8.74
C TYR A 205 -18.35 -10.30 -9.59
N THR A 206 -19.64 -10.17 -9.25
CA THR A 206 -20.54 -9.24 -9.91
C THR A 206 -21.33 -8.46 -8.86
N TRP A 207 -21.59 -7.19 -9.14
CA TRP A 207 -22.39 -6.36 -8.25
C TRP A 207 -22.84 -5.12 -9.02
N THR A 208 -23.57 -4.24 -8.33
CA THR A 208 -24.08 -3.00 -8.90
C THR A 208 -23.86 -1.88 -7.90
N ASN A 209 -23.50 -0.70 -8.41
CA ASN A 209 -23.20 0.43 -7.56
C ASN A 209 -24.49 1.09 -7.05
N PRO A 210 -24.44 1.71 -5.86
CA PRO A 210 -25.65 2.34 -5.30
C PRO A 210 -26.01 3.63 -6.00
N THR A 211 -27.13 4.23 -5.60
CA THR A 211 -27.63 5.46 -6.21
C THR A 211 -26.98 6.68 -5.54
N CYS A 212 -26.50 7.61 -6.36
CA CYS A 212 -25.93 8.87 -5.88
C CYS A 212 -27.00 9.95 -5.91
N CYS A 213 -27.04 10.76 -4.86
CA CYS A 213 -28.05 11.81 -4.73
C CYS A 213 -27.35 13.14 -4.45
N VAL A 214 -27.75 14.18 -5.19
CA VAL A 214 -27.18 15.51 -5.07
C VAL A 214 -28.28 16.42 -4.53
N HIS A 215 -28.14 16.83 -3.26
CA HIS A 215 -29.16 17.64 -2.62
C HIS A 215 -28.93 19.13 -2.86
N ASN A 216 -30.00 19.91 -2.66
CA ASN A 216 -29.95 21.37 -2.66
C ASN A 216 -29.51 21.93 -4.02
N VAL A 217 -29.95 21.28 -5.10
CA VAL A 217 -29.58 21.76 -6.43
C VAL A 217 -30.33 23.05 -6.78
N ILE A 218 -31.43 23.34 -6.10
CA ILE A 218 -32.20 24.56 -6.36
C ILE A 218 -31.62 25.71 -5.54
N ILE A 219 -31.66 25.58 -4.22
CA ILE A 219 -31.10 26.56 -3.31
C ILE A 219 -30.38 25.82 -2.20
N GLY A 220 -29.36 26.46 -1.63
CA GLY A 220 -28.58 25.87 -0.58
C GLY A 220 -27.24 25.34 -1.06
N LYS A 221 -26.56 24.64 -0.17
CA LYS A 221 -25.23 24.11 -0.43
C LYS A 221 -25.37 22.71 -1.05
N LEU A 222 -24.79 22.53 -2.24
CA LEU A 222 -24.80 21.23 -2.89
C LEU A 222 -24.00 20.22 -2.07
N TRP A 223 -24.63 19.10 -1.70
CA TRP A 223 -23.93 18.04 -0.99
C TRP A 223 -24.38 16.68 -1.50
N ILE A 224 -23.52 15.69 -1.30
CA ILE A 224 -23.66 14.38 -1.92
C ILE A 224 -24.07 13.34 -0.88
N GLU A 225 -24.90 12.39 -1.30
CA GLU A 225 -25.30 11.25 -0.48
C GLU A 225 -25.36 10.02 -1.37
N GLN A 226 -25.17 8.86 -0.76
CA GLN A 226 -25.20 7.58 -1.47
C GLN A 226 -26.03 6.58 -0.66
N TYR A 227 -27.02 5.97 -1.32
CA TYR A 227 -27.85 4.97 -0.67
C TYR A 227 -28.23 3.89 -1.68
N GLY A 228 -28.65 2.74 -1.13
CA GLY A 228 -29.00 1.58 -1.94
C GLY A 228 -28.47 0.30 -1.32
N THR A 229 -28.72 -0.83 -1.98
CA THR A 229 -28.24 -2.13 -1.53
C THR A 229 -27.36 -2.74 -2.61
N VAL A 230 -26.16 -3.15 -2.22
CA VAL A 230 -25.18 -3.74 -3.13
C VAL A 230 -25.00 -5.20 -2.76
N GLU A 231 -25.01 -6.07 -3.77
CA GLU A 231 -24.82 -7.52 -3.56
C GLU A 231 -23.69 -7.99 -4.45
N ILE A 232 -22.60 -8.43 -3.85
CA ILE A 232 -21.44 -8.98 -4.56
C ILE A 232 -21.53 -10.49 -4.50
N LEU A 233 -21.46 -11.13 -5.67
CA LEU A 233 -21.67 -12.57 -5.80
C LEU A 233 -20.38 -13.22 -6.30
N ASN A 234 -19.84 -14.14 -5.51
CA ASN A 234 -18.73 -14.99 -5.94
C ASN A 234 -19.32 -16.17 -6.71
N HIS A 235 -19.04 -16.24 -8.01
CA HIS A 235 -19.79 -17.12 -8.90
C HIS A 235 -19.30 -18.56 -8.92
N ARG A 236 -18.23 -18.89 -8.20
CA ARG A 236 -17.80 -20.28 -8.10
C ARG A 236 -17.74 -20.81 -6.67
N THR A 237 -17.92 -19.96 -5.66
CA THR A 237 -17.97 -20.39 -4.28
C THR A 237 -19.32 -20.18 -3.63
N GLY A 238 -20.22 -19.44 -4.28
CA GLY A 238 -21.51 -19.10 -3.70
C GLY A 238 -21.46 -17.99 -2.66
N HIS A 239 -20.29 -17.46 -2.36
CA HIS A 239 -20.18 -16.37 -1.39
C HIS A 239 -20.91 -15.14 -1.89
N LYS A 240 -21.67 -14.51 -0.99
CA LYS A 240 -22.41 -13.29 -1.31
C LYS A 240 -22.21 -12.27 -0.21
N CYS A 241 -21.81 -11.06 -0.60
CA CYS A 241 -21.65 -9.95 0.33
C CYS A 241 -22.75 -8.93 0.07
N VAL A 242 -23.56 -8.67 1.10
CA VAL A 242 -24.63 -7.69 1.02
C VAL A 242 -24.18 -6.42 1.73
N LEU A 243 -24.36 -5.28 1.09
CA LEU A 243 -23.94 -4.00 1.63
C LEU A 243 -25.10 -3.01 1.52
N HIS A 244 -25.47 -2.42 2.65
CA HIS A 244 -26.56 -1.44 2.71
C HIS A 244 -25.95 -0.05 2.88
N PHE A 245 -25.97 0.74 1.81
CA PHE A 245 -25.65 2.16 1.91
C PHE A 245 -26.86 2.86 2.51
N LYS A 246 -26.77 3.20 3.79
CA LYS A 246 -27.93 3.72 4.50
C LYS A 246 -28.19 5.17 4.10
N PRO A 247 -29.44 5.52 3.77
CA PRO A 247 -29.77 6.93 3.60
C PRO A 247 -29.88 7.62 4.95
N CYS A 248 -29.48 8.89 4.98
CA CYS A 248 -29.56 9.64 6.23
C CYS A 248 -31.02 9.79 6.64
N GLY A 249 -31.36 9.29 7.82
CA GLY A 249 -32.73 9.26 8.29
C GLY A 249 -33.22 10.62 8.73
N LEU A 250 -34.14 10.60 9.69
CA LEU A 250 -34.64 11.84 10.28
C LEU A 250 -33.51 12.57 11.00
N PHE A 251 -33.25 13.81 10.58
CA PHE A 251 -32.18 14.67 11.06
C PHE A 251 -30.79 14.20 10.62
N GLY A 252 -30.69 13.09 9.90
CA GLY A 252 -29.43 12.66 9.34
C GLY A 252 -28.47 12.02 10.31
N LYS A 253 -28.96 11.07 11.10
CA LYS A 253 -28.11 10.34 12.03
C LYS A 253 -27.44 9.12 11.38
N GLU A 254 -27.91 8.71 10.21
CA GLU A 254 -27.35 7.56 9.49
C GLU A 254 -26.54 7.99 8.27
N LEU A 255 -26.01 9.21 8.28
CA LEU A 255 -25.36 9.75 7.09
C LEU A 255 -24.09 8.96 6.76
N HIS A 256 -24.03 8.46 5.52
CA HIS A 256 -22.88 7.77 4.95
C HIS A 256 -22.59 6.42 5.60
N LYS A 257 -23.43 5.97 6.52
CA LYS A 257 -23.18 4.69 7.19
C LYS A 257 -23.37 3.53 6.22
N VAL A 258 -22.44 2.57 6.27
CA VAL A 258 -22.52 1.35 5.50
C VAL A 258 -22.51 0.18 6.47
N GLU A 259 -23.47 -0.74 6.30
CA GLU A 259 -23.57 -1.92 7.16
C GLU A 259 -23.96 -3.11 6.31
N GLY A 260 -23.28 -4.24 6.51
CA GLY A 260 -23.56 -5.42 5.75
C GLY A 260 -22.97 -6.66 6.37
N HIS A 261 -22.80 -7.69 5.55
CA HIS A 261 -22.29 -8.97 6.01
C HIS A 261 -21.86 -9.80 4.81
N ILE A 262 -21.05 -10.81 5.08
CA ILE A 262 -20.60 -11.77 4.07
C ILE A 262 -21.13 -13.14 4.47
N GLN A 263 -22.03 -13.68 3.68
CA GLN A 263 -22.61 -15.00 3.92
C GLN A 263 -22.03 -16.02 2.95
N ASP A 264 -22.11 -17.29 3.33
CA ASP A 264 -21.59 -18.35 2.49
C ASP A 264 -22.69 -18.83 1.55
N LYS A 265 -22.52 -20.02 0.97
CA LYS A 265 -23.49 -20.53 0.00
C LYS A 265 -24.83 -20.87 0.65
N ASN A 266 -24.82 -21.29 1.91
CA ASN A 266 -26.02 -21.67 2.64
C ASN A 266 -26.54 -20.55 3.54
N LYS A 267 -26.26 -19.30 3.18
CA LYS A 267 -26.77 -18.11 3.89
C LYS A 267 -26.28 -18.03 5.33
N LYS A 268 -25.21 -18.74 5.67
CA LYS A 268 -24.61 -18.61 6.99
C LYS A 268 -23.68 -17.40 7.01
N LYS A 269 -23.97 -16.45 7.90
CA LYS A 269 -23.19 -15.22 7.96
C LYS A 269 -21.82 -15.50 8.57
N LEU A 270 -20.77 -15.17 7.82
CA LEU A 270 -19.40 -15.43 8.23
C LEU A 270 -18.66 -14.19 8.73
N PHE A 271 -19.12 -13.00 8.37
CA PHE A 271 -18.36 -11.79 8.62
C PHE A 271 -19.31 -10.60 8.63
N MET A 272 -19.09 -9.67 9.56
CA MET A 272 -19.91 -8.48 9.71
C MET A 272 -19.13 -7.26 9.27
N ILE A 273 -19.76 -6.42 8.44
CA ILE A 273 -19.11 -5.25 7.86
C ILE A 273 -19.87 -4.00 8.28
N TYR A 274 -19.13 -2.95 8.63
CA TYR A 274 -19.73 -1.70 9.08
C TYR A 274 -18.73 -0.57 8.92
N GLY A 275 -19.24 0.64 8.80
CA GLY A 275 -18.40 1.82 8.69
C GLY A 275 -19.11 2.93 7.92
N LYS A 276 -18.30 3.79 7.31
CA LYS A 276 -18.81 4.88 6.48
C LYS A 276 -17.99 4.93 5.20
N TRP A 277 -18.67 5.08 4.06
CA TRP A 277 -17.97 5.15 2.78
C TRP A 277 -17.20 6.45 2.60
N THR A 278 -17.35 7.41 3.51
CA THR A 278 -16.56 8.63 3.49
C THR A 278 -15.39 8.58 4.47
N GLU A 279 -15.18 7.45 5.14
CA GLU A 279 -14.10 7.34 6.11
C GLU A 279 -13.40 5.99 6.02
N CYS A 280 -13.95 4.98 6.69
CA CYS A 280 -13.31 3.68 6.79
C CYS A 280 -14.36 2.59 6.81
N LEU A 281 -13.91 1.36 6.52
CA LEU A 281 -14.76 0.19 6.52
C LEU A 281 -14.13 -0.89 7.38
N TRP A 282 -14.87 -1.38 8.37
CA TRP A 282 -14.37 -2.36 9.33
C TRP A 282 -15.05 -3.70 9.15
N GLY A 283 -14.47 -4.72 9.75
CA GLY A 283 -15.02 -6.07 9.68
C GLY A 283 -14.78 -6.81 10.98
N ILE A 284 -15.70 -7.72 11.30
CA ILE A 284 -15.65 -8.46 12.55
C ILE A 284 -16.42 -9.76 12.37
N ASP A 285 -16.04 -10.78 13.14
CA ASP A 285 -16.73 -12.06 13.09
C ASP A 285 -18.06 -11.97 13.84
N PRO A 286 -19.04 -12.80 13.47
CA PRO A 286 -20.36 -12.71 14.12
C PRO A 286 -20.35 -13.02 15.60
N VAL A 287 -19.35 -13.74 16.11
CA VAL A 287 -19.29 -14.06 17.53
C VAL A 287 -19.05 -12.79 18.34
N SER A 288 -18.00 -12.04 18.00
CA SER A 288 -17.69 -10.80 18.72
C SER A 288 -18.72 -9.71 18.46
N TYR A 289 -19.49 -9.81 17.37
CA TYR A 289 -20.52 -8.82 17.11
C TYR A 289 -21.59 -8.84 18.19
N GLU A 290 -22.04 -10.02 18.58
CA GLU A 290 -23.00 -10.13 19.67
C GLU A 290 -22.33 -9.83 21.01
N SER A 291 -21.09 -10.26 21.18
CA SER A 291 -20.36 -10.02 22.42
C SER A 291 -19.86 -8.59 22.49
N THR A 328 -18.17 9.47 13.10
CA THR A 328 -18.24 8.98 14.48
C THR A 328 -18.46 7.48 14.51
N VAL A 329 -17.62 6.75 13.78
CA VAL A 329 -17.74 5.29 13.66
C VAL A 329 -17.21 4.66 14.94
N GLN A 330 -18.09 4.01 15.70
CA GLN A 330 -17.62 3.21 16.82
C GLN A 330 -16.93 1.96 16.28
N VAL A 331 -15.74 1.67 16.80
CA VAL A 331 -14.91 0.59 16.29
C VAL A 331 -14.81 -0.48 17.38
N ILE A 332 -15.39 -1.64 17.10
CA ILE A 332 -15.45 -2.72 18.09
C ILE A 332 -14.05 -3.30 18.27
N PRO A 333 -13.62 -3.58 19.50
CA PRO A 333 -12.33 -4.26 19.69
C PRO A 333 -12.33 -5.63 19.02
N GLY A 334 -11.21 -5.97 18.40
CA GLY A 334 -11.08 -7.19 17.64
C GLY A 334 -11.41 -7.06 16.17
N SER A 335 -11.93 -5.92 15.74
CA SER A 335 -12.21 -5.69 14.33
C SER A 335 -10.93 -5.35 13.58
N LYS A 336 -10.96 -5.61 12.27
CA LYS A 336 -9.83 -5.29 11.41
C LYS A 336 -10.28 -4.38 10.27
N LEU A 337 -9.37 -3.50 9.85
CA LEU A 337 -9.68 -2.51 8.84
C LEU A 337 -9.71 -3.15 7.45
N LEU A 338 -10.80 -2.92 6.72
CA LEU A 338 -10.90 -3.39 5.34
C LEU A 338 -10.47 -2.33 4.35
N TRP A 339 -10.68 -1.05 4.66
CA TRP A 339 -10.37 0.05 3.76
C TRP A 339 -10.47 1.37 4.52
N ARG A 340 -9.59 2.31 4.18
CA ARG A 340 -9.66 3.67 4.70
C ARG A 340 -9.47 4.64 3.56
N ILE A 341 -10.24 5.73 3.57
CA ILE A 341 -10.26 6.64 2.44
C ILE A 341 -8.95 7.41 2.37
N ASN A 342 -8.49 7.68 1.16
CA ASN A 342 -7.29 8.49 0.96
C ASN A 342 -7.57 9.94 1.31
N THR A 343 -6.57 10.60 1.90
CA THR A 343 -6.71 12.02 2.17
C THR A 343 -6.59 12.83 0.88
N ARG A 344 -7.40 13.83 0.71
CA ARG A 344 -7.30 14.62 -0.49
C ARG A 344 -6.22 15.66 -0.42
N PRO A 345 -5.65 16.02 -1.55
CA PRO A 345 -4.63 17.05 -1.57
C PRO A 345 -5.21 18.39 -1.17
N PRO A 346 -4.39 19.28 -0.60
CA PRO A 346 -4.93 20.56 -0.09
C PRO A 346 -5.54 21.44 -1.16
N ASN A 347 -5.12 21.31 -2.42
CA ASN A 347 -5.68 22.09 -3.51
C ASN A 347 -6.93 21.46 -4.12
N SER A 348 -7.55 20.51 -3.41
CA SER A 348 -8.70 19.79 -3.97
C SER A 348 -9.89 20.72 -4.17
N ALA A 349 -10.26 21.48 -3.13
CA ALA A 349 -11.41 22.36 -3.24
C ALA A 349 -11.25 23.39 -4.35
N GLN A 350 -10.01 23.81 -4.62
CA GLN A 350 -9.70 24.69 -5.73
C GLN A 350 -9.45 23.92 -7.03
N MET A 351 -10.05 22.74 -7.16
CA MET A 351 -9.76 21.84 -8.27
C MET A 351 -10.98 20.98 -8.61
N TYR A 352 -12.18 21.53 -8.43
CA TYR A 352 -13.43 20.78 -8.61
C TYR A 352 -13.50 19.57 -7.70
N ASN A 353 -12.82 19.66 -6.55
CA ASN A 353 -12.77 18.58 -5.55
C ASN A 353 -12.20 17.29 -6.12
N PHE A 354 -11.26 17.41 -7.05
CA PHE A 354 -10.61 16.23 -7.61
C PHE A 354 -9.69 15.58 -6.59
N THR A 355 -9.46 14.28 -6.77
CA THR A 355 -8.44 13.57 -6.02
C THR A 355 -7.11 13.69 -6.75
N SER A 356 -6.05 13.16 -6.15
CA SER A 356 -4.75 13.14 -6.83
C SER A 356 -4.81 12.27 -8.08
N PHE A 357 -5.59 11.19 -8.04
CA PHE A 357 -5.74 10.32 -9.20
C PHE A 357 -6.62 10.95 -10.28
N THR A 358 -7.45 11.92 -9.92
CA THR A 358 -8.38 12.50 -10.90
C THR A 358 -7.67 13.48 -11.82
N VAL A 359 -6.70 14.23 -11.30
CA VAL A 359 -6.02 15.22 -12.14
C VAL A 359 -5.18 14.55 -13.21
N SER A 360 -4.62 13.38 -12.93
CA SER A 360 -3.80 12.67 -13.90
C SER A 360 -4.60 12.09 -15.04
N LEU A 361 -5.93 12.11 -14.96
CA LEU A 361 -6.75 11.41 -15.95
C LEU A 361 -6.69 12.11 -17.30
N ASN A 362 -6.96 13.42 -17.34
CA ASN A 362 -7.01 14.17 -18.59
C ASN A 362 -5.66 14.81 -18.93
N GLU A 363 -4.55 14.24 -18.50
CA GLU A 363 -3.24 14.78 -18.81
C GLU A 363 -2.73 14.19 -20.11
N LEU A 364 -2.25 15.05 -21.00
CA LEU A 364 -1.66 14.64 -22.27
C LEU A 364 -0.17 14.39 -22.03
N GLU A 365 0.21 13.11 -21.94
CA GLU A 365 1.58 12.76 -21.62
C GLU A 365 2.52 13.19 -22.74
N THR A 366 3.81 13.24 -22.42
CA THR A 366 4.83 13.58 -23.40
C THR A 366 4.93 12.47 -24.45
N GLY A 367 4.74 12.83 -25.72
CA GLY A 367 4.77 11.85 -26.79
C GLY A 367 3.51 11.03 -26.93
N MET A 368 2.43 11.39 -26.24
CA MET A 368 1.17 10.66 -26.34
C MET A 368 0.46 10.91 -27.66
N GLU A 369 0.91 11.89 -28.44
CA GLU A 369 0.27 12.19 -29.73
C GLU A 369 0.43 11.06 -30.73
N LYS A 370 1.36 10.14 -30.50
CA LYS A 370 1.66 9.08 -31.46
C LYS A 370 0.96 7.76 -31.15
N THR A 371 0.43 7.58 -29.94
CA THR A 371 -0.21 6.33 -29.56
C THR A 371 -1.72 6.43 -29.38
N LEU A 372 -2.25 7.62 -29.10
CA LEU A 372 -3.67 7.74 -28.83
C LEU A 372 -4.50 7.61 -30.11
N PRO A 373 -5.70 7.04 -30.01
CA PRO A 373 -6.65 7.09 -31.11
C PRO A 373 -7.25 8.47 -31.25
N PRO A 374 -7.84 8.79 -32.41
CA PRO A 374 -8.44 10.13 -32.58
C PRO A 374 -9.71 10.34 -31.77
N THR A 375 -10.14 9.38 -30.95
CA THR A 375 -11.36 9.49 -30.18
C THR A 375 -11.11 9.48 -28.68
N ASP A 376 -9.90 9.80 -28.24
CA ASP A 376 -9.57 9.85 -26.83
C ASP A 376 -9.91 11.23 -26.28
N CYS A 377 -10.71 11.27 -25.20
CA CYS A 377 -11.19 12.53 -24.64
C CYS A 377 -10.07 13.44 -24.14
N ARG A 378 -8.81 13.01 -24.14
CA ARG A 378 -7.74 13.97 -23.92
C ARG A 378 -7.63 14.94 -25.08
N LEU A 379 -8.10 14.52 -26.26
CA LEU A 379 -8.15 15.38 -27.43
C LEU A 379 -9.44 16.19 -27.49
N ARG A 380 -10.38 15.96 -26.59
CA ARG A 380 -11.66 16.65 -26.64
C ARG A 380 -11.47 18.12 -26.25
N PRO A 381 -11.91 19.07 -27.08
CA PRO A 381 -11.55 20.48 -26.85
C PRO A 381 -12.37 21.17 -25.78
N ASP A 382 -13.65 20.83 -25.64
CA ASP A 382 -14.49 21.54 -24.67
C ASP A 382 -14.08 21.21 -23.25
N ILE A 383 -13.72 19.96 -22.97
CA ILE A 383 -13.17 19.61 -21.67
C ILE A 383 -11.85 20.33 -21.45
N ARG A 384 -11.00 20.37 -22.49
CA ARG A 384 -9.72 21.04 -22.39
C ARG A 384 -9.90 22.55 -22.19
N GLY A 385 -10.91 23.13 -22.84
CA GLY A 385 -11.15 24.56 -22.68
C GLY A 385 -11.59 24.91 -21.28
N MET A 386 -12.51 24.12 -20.70
CA MET A 386 -12.92 24.32 -19.32
C MET A 386 -11.75 24.10 -18.36
N GLU A 387 -10.90 23.13 -18.68
CA GLU A 387 -9.73 22.86 -17.85
C GLU A 387 -8.75 24.03 -17.85
N ASN A 388 -8.66 24.76 -18.95
CA ASN A 388 -7.82 25.94 -19.04
C ASN A 388 -8.49 27.21 -18.56
N GLY A 389 -9.77 27.14 -18.16
CA GLY A 389 -10.46 28.27 -17.59
C GLY A 389 -11.21 29.15 -18.58
N ASN A 390 -11.32 28.75 -19.84
CA ASN A 390 -12.01 29.55 -20.85
C ASN A 390 -13.39 28.95 -21.07
N MET A 391 -14.36 29.41 -20.27
CA MET A 391 -15.74 28.98 -20.44
C MET A 391 -16.32 29.45 -21.77
N ASP A 392 -15.84 30.60 -22.27
CA ASP A 392 -16.40 31.17 -23.48
C ASP A 392 -16.31 30.22 -24.66
N LEU A 393 -15.11 29.72 -24.95
CA LEU A 393 -14.94 28.81 -26.07
C LEU A 393 -15.25 27.36 -25.71
N ALA A 394 -15.17 27.00 -24.43
CA ALA A 394 -15.56 25.66 -24.02
C ALA A 394 -17.06 25.44 -24.20
N SER A 395 -17.85 26.49 -23.94
CA SER A 395 -19.29 26.40 -24.20
C SER A 395 -19.58 26.35 -25.68
N GLN A 396 -18.83 27.12 -26.48
CA GLN A 396 -19.04 27.10 -27.93
C GLN A 396 -18.51 25.81 -28.55
N GLU A 397 -17.39 25.29 -28.03
CA GLU A 397 -16.89 24.02 -28.55
C GLU A 397 -17.82 22.87 -28.21
N LYS A 398 -18.43 22.91 -27.01
CA LYS A 398 -19.40 21.88 -26.67
C LYS A 398 -20.63 21.96 -27.57
N GLU A 399 -21.11 23.16 -27.84
CA GLU A 399 -22.23 23.32 -28.76
C GLU A 399 -21.83 22.91 -30.18
N ARG A 400 -20.58 23.15 -30.56
CA ARG A 400 -20.10 22.74 -31.88
C ARG A 400 -19.99 21.22 -31.97
N LEU A 401 -19.52 20.58 -30.91
CA LEU A 401 -19.35 19.13 -30.94
C LEU A 401 -20.69 18.41 -30.94
N GLU A 402 -21.68 18.95 -30.24
CA GLU A 402 -22.99 18.30 -30.16
C GLU A 402 -23.77 18.45 -31.46
N GLU A 403 -23.70 19.61 -32.09
CA GLU A 403 -24.35 19.79 -33.39
C GLU A 403 -23.74 18.85 -34.43
N LYS A 404 -22.42 18.68 -34.39
CA LYS A 404 -21.76 17.74 -35.29
C LYS A 404 -22.22 16.31 -35.02
N GLN A 405 -22.47 15.98 -33.75
CA GLN A 405 -22.95 14.64 -33.43
C GLN A 405 -24.39 14.45 -33.89
N ARG A 406 -25.25 15.46 -33.71
CA ARG A 406 -26.60 15.40 -34.25
C ARG A 406 -26.57 15.38 -35.77
N GLU A 407 -25.68 16.16 -36.39
CA GLU A 407 -25.56 16.17 -37.83
C GLU A 407 -25.13 14.81 -38.36
N ALA A 408 -24.17 14.17 -37.67
CA ALA A 408 -23.71 12.85 -38.08
C ALA A 408 -24.78 11.78 -37.92
N ARG A 409 -25.73 12.03 -37.07
CA ARG A 409 -26.80 11.07 -36.88
C ARG A 409 -27.79 11.12 -38.03
N ARG A 410 -28.06 12.31 -38.54
CA ARG A 410 -28.99 12.47 -39.65
C ARG A 410 -28.49 11.74 -40.89
N GLU A 411 -27.20 11.92 -41.21
CA GLU A 411 -26.63 11.24 -42.37
C GLU A 411 -26.65 9.73 -42.20
N ARG A 412 -26.41 9.25 -40.98
CA ARG A 412 -26.52 7.82 -40.71
C ARG A 412 -27.95 7.32 -40.82
N ALA A 413 -28.93 8.21 -40.73
CA ALA A 413 -30.33 7.83 -40.86
C ALA A 413 -30.81 7.90 -42.31
N LYS A 414 -30.33 8.88 -43.08
CA LYS A 414 -30.75 9.00 -44.47
C LYS A 414 -30.15 7.90 -45.35
N GLU A 415 -29.10 7.23 -44.88
CA GLU A 415 -28.55 6.07 -45.57
C GLU A 415 -28.92 4.76 -44.89
N GLU A 416 -29.78 4.81 -43.86
CA GLU A 416 -30.32 3.62 -43.20
C GLU A 416 -29.22 2.73 -42.65
N ALA A 417 -28.15 3.36 -42.13
CA ALA A 417 -27.00 2.64 -41.61
C ALA A 417 -26.92 2.80 -40.10
N GLU A 418 -26.84 1.69 -39.39
CA GLU A 418 -26.68 1.73 -37.95
C GLU A 418 -25.25 2.10 -37.59
N TRP A 419 -25.06 2.60 -36.36
CA TRP A 419 -23.76 2.98 -35.83
C TRP A 419 -22.97 1.77 -35.40
N GLN A 420 -21.69 1.79 -35.71
CA GLN A 420 -20.83 0.66 -35.37
C GLN A 420 -19.95 1.01 -34.18
N THR A 421 -19.90 0.11 -33.20
CA THR A 421 -19.04 0.27 -32.04
C THR A 421 -17.65 -0.27 -32.37
N ARG A 422 -16.61 0.49 -31.98
CA ARG A 422 -15.26 0.17 -32.43
C ARG A 422 -14.61 -0.93 -31.60
N TRP A 423 -14.82 -0.91 -30.27
CA TRP A 423 -14.06 -1.77 -29.39
C TRP A 423 -14.89 -2.68 -28.50
N PHE A 424 -16.18 -2.42 -28.33
CA PHE A 424 -17.06 -3.26 -27.54
C PHE A 424 -18.22 -3.73 -28.40
N TYR A 425 -18.78 -4.88 -28.05
CA TYR A 425 -19.88 -5.45 -28.82
C TYR A 425 -20.99 -5.89 -27.89
N PRO A 426 -22.24 -5.82 -28.34
CA PRO A 426 -23.37 -6.25 -27.50
C PRO A 426 -23.30 -7.75 -27.23
N GLY A 427 -23.62 -8.12 -25.99
CA GLY A 427 -23.61 -9.52 -25.63
C GLY A 427 -24.26 -9.74 -24.28
N ASN A 428 -24.15 -10.97 -23.80
CA ASN A 428 -24.67 -11.36 -22.50
C ASN A 428 -23.52 -11.61 -21.54
N ASN A 429 -23.66 -11.09 -20.32
CA ASN A 429 -22.67 -11.34 -19.29
C ASN A 429 -22.63 -12.83 -18.96
N PRO A 430 -21.47 -13.48 -19.07
CA PRO A 430 -21.43 -14.95 -18.95
C PRO A 430 -21.60 -15.45 -17.52
N TYR A 431 -21.94 -14.56 -16.58
CA TYR A 431 -22.14 -14.95 -15.20
C TYR A 431 -23.54 -14.66 -14.68
N THR A 432 -24.28 -13.73 -15.29
CA THR A 432 -25.64 -13.43 -14.87
C THR A 432 -26.67 -13.53 -15.99
N GLY A 433 -26.23 -13.64 -17.25
CA GLY A 433 -27.14 -13.62 -18.38
C GLY A 433 -27.72 -12.27 -18.71
N THR A 434 -27.51 -11.26 -17.86
CA THR A 434 -28.00 -9.92 -18.13
C THR A 434 -27.30 -9.37 -19.38
N PRO A 435 -28.02 -8.67 -20.25
CA PRO A 435 -27.37 -8.03 -21.40
C PRO A 435 -26.28 -7.08 -20.94
N ASP A 436 -25.12 -7.17 -21.60
CA ASP A 436 -23.93 -6.42 -21.20
C ASP A 436 -23.19 -5.99 -22.45
N TRP A 437 -22.09 -5.26 -22.25
CA TRP A 437 -21.23 -4.82 -23.33
C TRP A 437 -19.85 -5.41 -23.10
N LEU A 438 -19.50 -6.44 -23.87
CA LEU A 438 -18.26 -7.17 -23.69
C LEU A 438 -17.13 -6.53 -24.46
N TYR A 439 -15.92 -6.64 -23.91
CA TYR A 439 -14.73 -6.12 -24.57
C TYR A 439 -14.28 -7.09 -25.65
N ALA A 440 -14.05 -6.57 -26.86
CA ALA A 440 -13.70 -7.39 -28.01
C ALA A 440 -12.21 -7.66 -28.14
N GLY A 441 -11.39 -7.06 -27.29
CA GLY A 441 -9.96 -7.25 -27.38
C GLY A 441 -9.32 -6.35 -28.41
N ASP A 442 -8.01 -6.60 -28.61
CA ASP A 442 -7.19 -5.97 -29.65
C ASP A 442 -7.38 -4.45 -29.75
N TYR A 443 -7.60 -3.79 -28.61
CA TYR A 443 -7.56 -2.34 -28.64
C TYR A 443 -6.12 -1.82 -28.63
N PHE A 444 -5.25 -2.47 -27.88
CA PHE A 444 -3.89 -1.99 -27.67
C PHE A 444 -2.92 -2.41 -28.75
N GLU A 445 -3.37 -3.10 -29.79
CA GLU A 445 -2.56 -3.20 -31.01
C GLU A 445 -2.67 -1.95 -31.86
N ARG A 446 -3.59 -1.05 -31.52
CA ARG A 446 -3.60 0.32 -32.02
C ARG A 446 -3.73 0.39 -33.53
N ASN A 447 -4.73 -0.31 -34.06
CA ASN A 447 -5.11 -0.18 -35.47
C ASN A 447 -6.23 0.86 -35.53
N PHE A 448 -5.80 2.13 -35.57
CA PHE A 448 -6.70 3.26 -35.35
C PHE A 448 -7.17 3.94 -36.64
N SER A 449 -7.06 3.25 -37.76
CA SER A 449 -7.86 3.63 -38.90
C SER A 449 -9.27 3.07 -38.72
N ASP A 450 -10.20 3.55 -39.53
CA ASP A 450 -11.61 3.19 -39.42
C ASP A 450 -12.18 3.59 -38.06
N CYS A 451 -11.68 4.68 -37.50
CA CYS A 451 -12.19 5.28 -36.27
C CYS A 451 -13.15 6.40 -36.60
N PRO A 452 -14.05 6.74 -35.67
CA PRO A 452 -14.99 7.84 -35.93
C PRO A 452 -14.29 9.19 -35.85
N ASP A 453 -14.83 10.16 -36.60
CA ASP A 453 -14.38 11.54 -36.56
C ASP A 453 -15.39 12.32 -35.74
N ILE A 454 -15.11 12.46 -34.44
CA ILE A 454 -16.07 13.04 -33.51
C ILE A 454 -15.65 14.43 -33.02
N TYR A 455 -14.40 14.82 -33.19
CA TYR A 455 -13.92 16.11 -32.70
C TYR A 455 -13.77 17.12 -33.82
N LYS B 34 2.91 -23.71 6.23
CA LYS B 34 2.86 -22.55 5.35
C LYS B 34 2.96 -21.26 6.18
N HIS B 35 3.19 -20.14 5.48
CA HIS B 35 3.28 -18.84 6.12
C HIS B 35 2.42 -17.84 5.37
N ARG B 36 1.86 -16.89 6.10
CA ARG B 36 1.06 -15.83 5.49
C ARG B 36 1.95 -14.93 4.63
N THR B 37 1.31 -14.32 3.65
CA THR B 37 2.00 -13.43 2.76
C THR B 37 1.58 -11.99 2.84
N SER B 38 0.66 -11.66 3.72
CA SER B 38 0.21 -10.30 3.88
C SER B 38 -0.33 -10.08 5.25
N LEU B 39 -0.54 -8.85 5.65
CA LEU B 39 -1.06 -8.55 6.97
C LEU B 39 -2.58 -8.67 6.94
N PRO B 40 -3.24 -8.83 8.07
CA PRO B 40 -4.71 -8.97 8.04
C PRO B 40 -5.45 -7.68 7.68
N ALA B 41 -4.75 -6.58 7.42
CA ALA B 41 -5.42 -5.34 7.07
C ALA B 41 -4.48 -4.49 6.22
N PRO B 42 -5.01 -3.70 5.29
CA PRO B 42 -4.18 -2.72 4.59
C PRO B 42 -3.74 -1.61 5.54
N MET B 43 -2.74 -0.86 5.10
CA MET B 43 -2.17 0.18 5.94
C MET B 43 -3.17 1.31 6.16
N PHE B 44 -3.00 2.01 7.30
CA PHE B 44 -3.83 3.17 7.59
C PHE B 44 -3.61 4.26 6.54
N SER B 45 -2.36 4.69 6.37
CA SER B 45 -1.94 5.63 5.34
C SER B 45 -0.42 5.76 5.41
N ARG B 46 0.16 6.21 4.30
CA ARG B 46 1.60 6.45 4.23
C ARG B 46 1.96 7.77 4.92
N SER B 47 1.70 7.81 6.22
CA SER B 47 1.96 9.00 7.03
C SER B 47 3.36 8.86 7.62
N ASP B 48 4.35 9.36 6.89
CA ASP B 48 5.73 9.25 7.32
C ASP B 48 6.04 10.17 8.50
N PHE B 49 7.05 9.80 9.27
CA PHE B 49 7.44 10.55 10.46
C PHE B 49 8.30 11.74 10.06
N SER B 50 7.84 12.94 10.40
CA SER B 50 8.65 14.14 10.19
C SER B 50 8.29 15.15 11.27
N VAL B 51 9.28 15.97 11.64
CA VAL B 51 9.07 17.02 12.63
C VAL B 51 7.87 17.88 12.24
N TRP B 52 7.70 18.12 10.94
CA TRP B 52 6.55 18.88 10.48
C TRP B 52 5.25 18.11 10.65
N THR B 53 5.29 16.78 10.54
CA THR B 53 4.07 15.99 10.65
C THR B 53 3.59 15.88 12.09
N ILE B 54 4.51 15.65 13.03
CA ILE B 54 4.08 15.61 14.44
C ILE B 54 3.62 16.99 14.88
N LEU B 55 4.15 18.05 14.27
CA LEU B 55 3.69 19.41 14.60
C LEU B 55 2.25 19.62 14.17
N LYS B 56 1.88 19.14 12.97
CA LYS B 56 0.50 19.24 12.52
C LYS B 56 -0.42 18.32 13.32
N LYS B 57 0.13 17.23 13.87
CA LYS B 57 -0.64 16.31 14.71
C LYS B 57 -0.75 16.78 16.15
N CYS B 58 -0.11 17.89 16.51
CA CYS B 58 -0.11 18.37 17.89
C CYS B 58 -0.97 19.59 18.13
N VAL B 59 -1.53 20.17 17.09
CA VAL B 59 -2.37 21.33 17.18
C VAL B 59 -3.62 21.04 18.03
N GLY B 60 -3.99 21.93 18.94
CA GLY B 60 -5.12 21.65 19.81
C GLY B 60 -4.81 20.78 21.01
N LEU B 61 -3.62 20.21 21.09
CA LEU B 61 -3.24 19.34 22.19
C LEU B 61 -2.50 20.13 23.27
N GLU B 62 -2.71 19.71 24.52
CA GLU B 62 -1.96 20.28 25.63
C GLU B 62 -0.49 19.90 25.51
N LEU B 63 0.40 20.85 25.85
CA LEU B 63 1.83 20.59 25.78
C LEU B 63 2.24 19.45 26.71
N SER B 64 1.47 19.18 27.75
CA SER B 64 1.74 18.04 28.62
C SER B 64 1.51 16.73 27.90
N LYS B 65 0.40 16.64 27.16
CA LYS B 65 -0.04 15.37 26.58
C LYS B 65 0.59 15.13 25.21
N ILE B 66 1.79 15.66 24.99
CA ILE B 66 2.48 15.45 23.71
C ILE B 66 3.13 14.07 23.74
N THR B 67 2.69 13.20 22.84
CA THR B 67 3.16 11.82 22.78
C THR B 67 3.60 11.47 21.37
N MET B 68 4.48 10.49 21.28
CA MET B 68 4.91 9.98 19.98
C MET B 68 3.79 9.16 19.36
N PRO B 69 3.25 9.58 18.21
CA PRO B 69 2.06 8.90 17.68
C PRO B 69 2.35 7.49 17.22
N ILE B 70 1.35 6.61 17.41
CA ILE B 70 1.47 5.21 16.99
C ILE B 70 1.48 5.07 15.48
N ALA B 71 1.01 6.09 14.75
CA ALA B 71 0.92 6.01 13.29
C ALA B 71 2.28 5.96 12.63
N PHE B 72 3.34 6.37 13.31
CA PHE B 72 4.69 6.34 12.75
C PHE B 72 5.37 4.99 12.90
N ASN B 73 4.75 4.05 13.61
CA ASN B 73 5.37 2.76 13.85
C ASN B 73 5.14 1.81 12.68
N GLU B 74 5.76 0.64 12.77
CA GLU B 74 5.45 -0.51 11.95
C GLU B 74 5.04 -1.67 12.85
N PRO B 75 4.04 -2.46 12.46
CA PRO B 75 3.56 -3.53 13.34
C PRO B 75 4.60 -4.62 13.54
N LEU B 76 5.70 -4.27 14.19
CA LEU B 76 6.83 -5.18 14.33
C LEU B 76 7.61 -4.77 15.58
N SER B 77 7.85 -5.73 16.46
CA SER B 77 8.72 -5.48 17.60
C SER B 77 10.17 -5.37 17.13
N PHE B 78 10.98 -4.68 17.94
CA PHE B 78 12.40 -4.59 17.63
C PHE B 78 13.11 -5.94 17.78
N LEU B 79 12.58 -6.82 18.62
CA LEU B 79 13.12 -8.18 18.71
C LEU B 79 12.91 -8.92 17.39
N GLN B 80 11.73 -8.77 16.79
CA GLN B 80 11.50 -9.35 15.47
C GLN B 80 12.32 -8.64 14.40
N ARG B 81 12.60 -7.35 14.60
CA ARG B 81 13.52 -6.64 13.71
C ARG B 81 14.91 -7.25 13.73
N ILE B 82 15.31 -7.82 14.88
CA ILE B 82 16.61 -8.49 14.96
C ILE B 82 16.57 -9.82 14.22
N THR B 83 15.43 -10.52 14.28
CA THR B 83 15.31 -11.83 13.62
C THR B 83 15.53 -11.72 12.12
N GLU B 84 15.30 -10.55 11.52
CA GLU B 84 15.51 -10.38 10.09
C GLU B 84 16.98 -10.50 9.69
N TYR B 85 17.90 -10.59 10.65
CA TYR B 85 19.27 -10.97 10.33
C TYR B 85 19.31 -12.37 9.74
N MET B 86 18.38 -13.24 10.14
CA MET B 86 18.36 -14.63 9.73
C MET B 86 17.76 -14.85 8.34
N GLU B 87 17.39 -13.79 7.63
CA GLU B 87 16.72 -13.97 6.35
C GLU B 87 17.59 -14.72 5.35
N HIS B 88 18.87 -14.36 5.26
CA HIS B 88 19.80 -15.01 4.36
C HIS B 88 20.72 -15.97 5.12
N VAL B 89 20.11 -16.82 5.95
CA VAL B 89 20.88 -17.77 6.75
C VAL B 89 21.58 -18.80 5.89
N TYR B 90 21.16 -18.99 4.64
CA TYR B 90 21.82 -19.94 3.76
C TYR B 90 23.28 -19.59 3.53
N LEU B 91 23.66 -18.32 3.73
CA LEU B 91 25.07 -17.95 3.66
C LEU B 91 25.87 -18.54 4.82
N ILE B 92 25.24 -18.70 5.98
CA ILE B 92 25.92 -19.33 7.11
C ILE B 92 26.11 -20.82 6.83
N HIS B 93 25.10 -21.47 6.27
CA HIS B 93 25.25 -22.87 5.87
C HIS B 93 26.35 -23.01 4.83
N ARG B 94 26.36 -22.13 3.83
CA ARG B 94 27.38 -22.17 2.79
C ARG B 94 28.78 -21.95 3.39
N ALA B 95 28.87 -21.08 4.41
CA ALA B 95 30.17 -20.82 5.03
C ALA B 95 30.70 -22.05 5.74
N SER B 96 29.83 -22.79 6.45
CA SER B 96 30.25 -23.96 7.20
C SER B 96 30.69 -25.11 6.29
N CYS B 97 30.44 -25.03 4.98
CA CYS B 97 30.82 -26.09 4.06
C CYS B 97 32.18 -25.85 3.40
N GLN B 98 32.74 -24.64 3.51
CA GLN B 98 33.99 -24.35 2.82
C GLN B 98 35.17 -24.90 3.61
N PRO B 99 36.12 -25.56 2.93
CA PRO B 99 37.24 -26.19 3.64
C PRO B 99 38.28 -25.21 4.15
N GLN B 100 38.51 -24.11 3.43
CA GLN B 100 39.57 -23.18 3.78
C GLN B 100 39.01 -21.92 4.42
N PRO B 101 39.78 -21.27 5.30
CA PRO B 101 39.24 -20.09 6.01
C PRO B 101 38.90 -18.92 5.10
N LEU B 102 39.62 -18.75 3.99
CA LEU B 102 39.37 -17.60 3.11
C LEU B 102 37.95 -17.65 2.55
N GLU B 103 37.54 -18.79 2.04
CA GLU B 103 36.18 -18.91 1.47
C GLU B 103 35.12 -18.85 2.57
N ARG B 104 35.46 -19.28 3.79
CA ARG B 104 34.54 -19.13 4.91
C ARG B 104 34.32 -17.66 5.22
N MET B 105 35.40 -16.87 5.27
CA MET B 105 35.27 -15.44 5.53
C MET B 105 34.49 -14.73 4.42
N GLN B 106 34.58 -15.24 3.19
CA GLN B 106 33.85 -14.62 2.08
C GLN B 106 32.34 -14.72 2.30
N SER B 107 31.86 -15.86 2.79
CA SER B 107 30.43 -16.03 3.01
C SER B 107 29.96 -15.42 4.31
N VAL B 108 30.84 -15.36 5.33
CA VAL B 108 30.47 -14.67 6.56
C VAL B 108 30.36 -13.18 6.32
N ALA B 109 31.29 -12.62 5.54
CA ALA B 109 31.19 -11.21 5.16
C ALA B 109 29.93 -10.95 4.32
N ALA B 110 29.61 -11.88 3.43
CA ALA B 110 28.38 -11.76 2.66
C ALA B 110 27.14 -11.84 3.54
N PHE B 111 27.19 -12.63 4.61
CA PHE B 111 26.06 -12.70 5.53
C PHE B 111 25.94 -11.42 6.35
N ALA B 112 27.08 -10.87 6.79
CA ALA B 112 27.05 -9.64 7.57
C ALA B 112 26.42 -8.50 6.77
N VAL B 113 26.74 -8.40 5.48
CA VAL B 113 26.15 -7.37 4.63
C VAL B 113 24.67 -7.65 4.42
N SER B 114 24.32 -8.90 4.14
CA SER B 114 22.92 -9.25 3.87
C SER B 114 22.04 -9.10 5.09
N ALA B 115 22.62 -9.13 6.30
CA ALA B 115 21.81 -9.06 7.51
C ALA B 115 21.22 -7.68 7.74
N VAL B 116 21.75 -6.65 7.07
CA VAL B 116 21.27 -5.29 7.25
C VAL B 116 20.56 -4.77 6.00
N ALA B 117 20.39 -5.61 4.98
CA ALA B 117 19.78 -5.18 3.72
C ALA B 117 18.27 -4.98 3.82
N SER B 118 17.61 -5.61 4.79
CA SER B 118 16.16 -5.49 4.90
C SER B 118 15.71 -4.11 5.35
N GLN B 119 16.62 -3.25 5.79
CA GLN B 119 16.27 -1.97 6.37
C GLN B 119 16.07 -0.87 5.33
N TRP B 120 16.40 -1.14 4.06
CA TRP B 120 16.19 -0.15 3.01
C TRP B 120 14.70 0.09 2.82
N GLU B 121 14.31 1.37 2.78
CA GLU B 121 12.93 1.82 2.64
C GLU B 121 12.03 1.35 3.79
N ARG B 122 12.62 0.89 4.89
CA ARG B 122 11.85 0.56 6.09
C ARG B 122 11.88 1.78 7.00
N THR B 123 10.98 2.73 6.71
CA THR B 123 10.92 4.00 7.44
C THR B 123 9.90 3.98 8.56
N GLY B 124 9.28 2.84 8.84
CA GLY B 124 8.40 2.70 9.98
C GLY B 124 9.20 2.28 11.21
N LYS B 125 8.87 2.90 12.34
CA LYS B 125 9.64 2.64 13.56
C LYS B 125 9.16 1.37 14.23
N PRO B 126 10.04 0.41 14.49
CA PRO B 126 9.64 -0.78 15.24
C PRO B 126 9.36 -0.43 16.70
N PHE B 127 8.42 -1.17 17.29
CA PHE B 127 8.02 -0.90 18.67
C PHE B 127 9.19 -1.10 19.63
N ASN B 128 9.29 -0.20 20.60
CA ASN B 128 10.26 -0.37 21.67
C ASN B 128 9.81 -1.53 22.55
N PRO B 129 10.57 -2.62 22.62
CA PRO B 129 10.09 -3.81 23.36
C PRO B 129 9.95 -3.54 24.84
N LEU B 130 8.90 -4.10 25.43
CA LEU B 130 8.71 -4.01 26.88
C LEU B 130 9.80 -4.79 27.60
N LEU B 131 10.09 -4.39 28.83
CA LEU B 131 11.04 -5.11 29.64
C LEU B 131 10.51 -6.51 29.93
N GLY B 132 11.24 -7.53 29.50
CA GLY B 132 10.81 -8.90 29.59
C GLY B 132 10.20 -9.47 28.33
N GLU B 133 9.97 -8.62 27.33
CA GLU B 133 9.44 -9.10 26.06
C GLU B 133 10.41 -10.08 25.42
N THR B 134 9.87 -11.15 24.85
CA THR B 134 10.66 -12.16 24.18
C THR B 134 10.08 -12.43 22.80
N TYR B 135 10.88 -13.08 21.96
CA TYR B 135 10.41 -13.52 20.65
C TYR B 135 11.21 -14.75 20.23
N GLU B 136 10.50 -15.81 19.87
CA GLU B 136 11.13 -17.03 19.38
C GLU B 136 10.66 -17.30 17.96
N LEU B 137 11.49 -18.01 17.20
CA LEU B 137 11.16 -18.40 15.84
C LEU B 137 11.91 -19.68 15.51
N ILE B 138 11.19 -20.69 15.05
CA ILE B 138 11.77 -21.96 14.62
C ILE B 138 11.45 -22.16 13.15
N ARG B 139 12.48 -22.19 12.33
CA ARG B 139 12.35 -22.41 10.89
C ARG B 139 13.20 -23.63 10.53
N GLU B 140 12.58 -24.81 10.54
CA GLU B 140 13.30 -26.03 10.22
C GLU B 140 13.68 -26.09 8.75
N ASP B 141 12.89 -25.46 7.87
CA ASP B 141 13.26 -25.39 6.45
C ASP B 141 14.49 -24.53 6.25
N LEU B 142 14.72 -23.54 7.11
CA LEU B 142 15.92 -22.71 7.05
C LEU B 142 17.02 -23.22 7.98
N GLY B 143 16.71 -24.16 8.85
CA GLY B 143 17.73 -24.82 9.65
C GLY B 143 18.24 -24.04 10.85
N PHE B 144 17.37 -23.32 11.53
CA PHE B 144 17.77 -22.61 12.74
C PHE B 144 16.57 -22.46 13.66
N ARG B 145 16.86 -22.10 14.90
CA ARG B 145 15.86 -21.64 15.86
C ARG B 145 16.39 -20.42 16.57
N PHE B 146 15.53 -19.43 16.77
CA PHE B 146 15.92 -18.11 17.24
C PHE B 146 15.17 -17.78 18.52
N ILE B 147 15.87 -17.16 19.47
CA ILE B 147 15.25 -16.65 20.69
C ILE B 147 15.88 -15.31 21.03
N SER B 148 15.05 -14.38 21.50
CA SER B 148 15.50 -13.05 21.88
C SER B 148 14.70 -12.59 23.10
N GLU B 149 15.28 -11.67 23.84
CA GLU B 149 14.73 -11.08 25.02
C GLU B 149 15.15 -9.64 25.22
N GLN B 150 14.25 -8.84 25.79
CA GLN B 150 14.50 -7.45 26.08
C GLN B 150 15.05 -7.41 27.51
N VAL B 151 16.38 -7.37 27.62
CA VAL B 151 17.04 -7.39 28.92
C VAL B 151 17.01 -6.11 29.74
N SER B 152 16.97 -4.99 29.06
CA SER B 152 16.93 -3.73 29.70
C SER B 152 15.93 -2.82 29.04
N HIS B 153 15.48 -1.83 29.77
CA HIS B 153 14.63 -0.77 29.23
C HIS B 153 15.29 0.60 29.26
N HIS B 154 16.06 0.90 30.32
CA HIS B 154 16.81 2.16 30.43
C HIS B 154 18.26 1.80 30.72
N PRO B 155 19.11 1.68 29.68
CA PRO B 155 18.77 1.85 28.26
C PRO B 155 18.13 0.61 27.66
N PRO B 156 17.47 0.75 26.50
CA PRO B 156 16.88 -0.43 25.85
C PRO B 156 17.97 -1.33 25.27
N ILE B 157 18.01 -2.57 25.76
CA ILE B 157 18.99 -3.56 25.32
C ILE B 157 18.25 -4.82 24.92
N SER B 158 18.55 -5.32 23.71
CA SER B 158 17.93 -6.53 23.18
C SER B 158 19.00 -7.58 22.96
N ALA B 159 18.85 -8.73 23.60
CA ALA B 159 19.76 -9.85 23.45
C ALA B 159 19.10 -10.94 22.61
N PHE B 160 19.88 -11.61 21.77
CA PHE B 160 19.36 -12.63 20.88
C PHE B 160 20.33 -13.78 20.80
N HIS B 161 19.81 -14.95 20.44
CA HIS B 161 20.61 -16.15 20.26
C HIS B 161 19.90 -17.07 19.27
N SER B 162 20.65 -17.55 18.29
CA SER B 162 20.13 -18.50 17.30
C SER B 162 21.14 -19.60 17.09
N GLU B 163 20.66 -20.81 16.95
CA GLU B 163 21.50 -21.96 16.74
C GLU B 163 21.02 -22.76 15.58
N GLY B 164 21.94 -23.34 14.83
CA GLY B 164 21.60 -24.19 13.72
C GLY B 164 21.05 -25.48 14.24
N LEU B 165 20.11 -26.07 13.52
CA LEU B 165 19.50 -27.29 13.93
C LEU B 165 20.31 -28.50 13.61
N ASN B 166 21.37 -28.29 12.86
CA ASN B 166 22.27 -29.31 12.46
C ASN B 166 23.64 -29.19 13.04
N HIS B 167 23.75 -28.52 14.17
CA HIS B 167 25.00 -28.34 14.91
C HIS B 167 26.09 -27.72 14.02
N ASP B 168 25.71 -26.71 13.24
CA ASP B 168 26.66 -26.06 12.35
C ASP B 168 27.01 -24.63 12.73
N PHE B 169 26.16 -23.92 13.46
CA PHE B 169 26.48 -22.55 13.82
C PHE B 169 25.77 -22.13 15.09
N LEU B 170 26.38 -21.19 15.80
CA LEU B 170 25.74 -20.39 16.84
C LEU B 170 25.84 -18.93 16.44
N PHE B 171 24.73 -18.19 16.58
CA PHE B 171 24.68 -16.80 16.19
C PHE B 171 23.94 -16.02 17.26
N HIS B 172 24.63 -15.10 17.93
CA HIS B 172 24.09 -14.42 19.09
C HIS B 172 24.74 -13.07 19.25
N GLY B 173 24.16 -12.25 20.12
CA GLY B 173 24.70 -10.93 20.40
C GLY B 173 23.69 -10.11 21.18
N SER B 174 24.00 -8.82 21.31
CA SER B 174 23.14 -7.87 21.99
C SER B 174 23.19 -6.55 21.25
N ILE B 175 22.05 -5.86 21.21
CA ILE B 175 21.89 -4.61 20.47
C ILE B 175 21.27 -3.58 21.41
N TYR B 176 22.06 -2.56 21.77
CA TYR B 176 21.51 -1.39 22.45
C TYR B 176 21.58 -0.20 21.51
N PRO B 177 20.45 0.23 20.94
CA PRO B 177 20.48 1.28 19.90
C PRO B 177 20.66 2.66 20.52
N LYS B 178 21.64 3.41 20.01
CA LYS B 178 21.89 4.77 20.43
C LYS B 178 21.39 5.71 19.34
N LEU B 179 20.43 6.57 19.68
CA LEU B 179 19.78 7.45 18.71
C LEU B 179 20.26 8.89 18.94
N LYS B 180 20.81 9.50 17.89
CA LYS B 180 21.27 10.87 17.93
C LYS B 180 20.59 11.70 16.85
N PHE B 181 20.48 13.00 17.10
CA PHE B 181 19.92 13.94 16.14
C PHE B 181 21.05 14.78 15.56
N TRP B 182 20.97 15.06 14.25
CA TRP B 182 22.06 15.78 13.60
C TRP B 182 21.57 16.89 12.67
N GLY B 183 20.33 17.34 12.80
CA GLY B 183 19.82 18.41 11.97
C GLY B 183 18.75 17.96 10.99
N LYS B 184 19.18 17.41 9.86
CA LYS B 184 18.25 16.88 8.87
C LYS B 184 18.08 15.38 8.96
N SER B 185 18.75 14.72 9.92
CA SER B 185 18.76 13.27 9.96
C SER B 185 18.90 12.78 11.39
N VAL B 186 18.42 11.58 11.64
CA VAL B 186 18.59 10.88 12.90
C VAL B 186 19.47 9.66 12.65
N GLU B 187 20.48 9.48 13.49
CA GLU B 187 21.39 8.34 13.37
C GLU B 187 21.04 7.29 14.41
N ALA B 188 21.08 6.03 14.00
CA ALA B 188 20.81 4.90 14.87
C ALA B 188 22.05 4.01 14.92
N GLU B 189 22.65 3.89 16.11
CA GLU B 189 23.85 3.07 16.28
C GLU B 189 23.41 1.75 16.96
N PRO B 190 23.33 0.63 16.26
CA PRO B 190 23.05 -0.66 16.91
C PRO B 190 24.28 -1.19 17.64
N ARG B 191 24.59 -0.55 18.77
CA ARG B 191 25.79 -0.90 19.52
C ARG B 191 25.70 -2.32 20.05
N GLY B 192 26.87 -2.93 20.24
CA GLY B 192 26.92 -4.31 20.72
C GLY B 192 27.75 -5.19 19.82
N THR B 193 28.17 -6.35 20.34
CA THR B 193 29.01 -7.27 19.60
C THR B 193 28.15 -8.37 18.99
N ILE B 194 28.38 -8.66 17.71
CA ILE B 194 27.72 -9.75 17.01
C ILE B 194 28.71 -10.91 16.92
N THR B 195 28.25 -12.11 17.24
CA THR B 195 29.12 -13.29 17.24
C THR B 195 28.50 -14.39 16.42
N LEU B 196 29.29 -14.96 15.50
CA LEU B 196 28.91 -16.13 14.72
C LEU B 196 29.95 -17.21 14.94
N GLU B 197 29.52 -18.39 15.39
CA GLU B 197 30.42 -19.49 15.72
C GLU B 197 30.16 -20.63 14.75
N LEU B 198 31.11 -20.88 13.85
CA LEU B 198 31.05 -22.01 12.95
C LEU B 198 31.49 -23.25 13.73
N LEU B 199 30.51 -24.04 14.19
CA LEU B 199 30.78 -25.08 15.17
C LEU B 199 31.69 -26.18 14.62
N LYS B 200 31.57 -26.49 13.33
CA LYS B 200 32.32 -27.62 12.77
C LYS B 200 33.77 -27.27 12.45
N HIS B 201 34.15 -26.00 12.50
CA HIS B 201 35.54 -25.58 12.34
C HIS B 201 36.11 -24.98 13.60
N ASN B 202 35.34 -24.92 14.68
CA ASN B 202 35.79 -24.41 15.98
C ASN B 202 36.39 -23.02 15.85
N GLU B 203 35.68 -22.14 15.16
CA GLU B 203 36.10 -20.77 14.98
C GLU B 203 34.92 -19.83 15.21
N ALA B 204 35.22 -18.65 15.74
CA ALA B 204 34.21 -17.66 16.06
C ALA B 204 34.50 -16.36 15.32
N TYR B 205 33.46 -15.73 14.81
CA TYR B 205 33.55 -14.45 14.11
C TYR B 205 32.82 -13.40 14.92
N THR B 206 33.47 -12.24 15.12
CA THR B 206 32.86 -11.13 15.84
C THR B 206 32.97 -9.88 14.99
N TRP B 207 31.91 -9.07 15.01
CA TRP B 207 31.90 -7.80 14.28
C TRP B 207 30.83 -6.90 14.88
N THR B 208 30.69 -5.71 14.28
CA THR B 208 29.75 -4.69 14.74
C THR B 208 29.00 -4.14 13.54
N ASN B 209 27.68 -3.97 13.70
CA ASN B 209 26.85 -3.46 12.62
C ASN B 209 27.21 -2.02 12.28
N PRO B 210 26.94 -1.58 11.05
CA PRO B 210 27.19 -0.19 10.67
C PRO B 210 26.12 0.73 11.27
N THR B 211 26.30 2.03 11.03
CA THR B 211 25.38 3.04 11.53
C THR B 211 24.27 3.29 10.52
N CYS B 212 23.03 3.18 10.98
CA CYS B 212 21.87 3.51 10.17
C CYS B 212 21.54 4.99 10.29
N CYS B 213 21.26 5.62 9.15
CA CYS B 213 21.00 7.05 9.09
C CYS B 213 19.63 7.28 8.47
N VAL B 214 18.70 7.81 9.25
CA VAL B 214 17.37 8.15 8.77
C VAL B 214 17.41 9.61 8.31
N HIS B 215 17.34 9.82 7.00
CA HIS B 215 17.45 11.16 6.43
C HIS B 215 16.08 11.82 6.29
N ASN B 216 16.12 13.15 6.11
CA ASN B 216 14.94 13.94 5.76
C ASN B 216 13.86 13.86 6.84
N VAL B 217 14.28 13.92 8.11
CA VAL B 217 13.36 13.77 9.23
C VAL B 217 12.61 15.05 9.55
N ILE B 218 12.89 16.14 8.86
CA ILE B 218 12.20 17.38 9.17
C ILE B 218 10.90 17.58 8.40
N ILE B 219 10.89 17.29 7.11
CA ILE B 219 9.68 17.48 6.33
C ILE B 219 9.52 16.40 5.26
N GLY B 220 10.54 16.22 4.43
CA GLY B 220 10.42 15.37 3.27
C GLY B 220 10.28 13.89 3.61
N LYS B 221 10.12 13.09 2.56
CA LYS B 221 10.02 11.64 2.71
C LYS B 221 11.33 11.07 3.22
N LEU B 222 11.23 10.12 4.12
CA LEU B 222 12.39 9.49 4.70
C LEU B 222 13.07 8.46 3.86
N TRP B 223 14.39 8.46 3.83
CA TRP B 223 15.15 7.42 3.15
C TRP B 223 16.27 6.95 4.06
N ILE B 224 16.68 5.70 3.87
CA ILE B 224 17.59 5.01 4.77
C ILE B 224 18.98 4.96 4.15
N GLU B 225 20.00 5.13 4.99
CA GLU B 225 21.39 5.03 4.58
C GLU B 225 22.16 4.31 5.68
N GLN B 226 23.24 3.63 5.28
CA GLN B 226 24.09 2.91 6.22
C GLN B 226 25.55 3.20 5.90
N TYR B 227 26.30 3.68 6.89
CA TYR B 227 27.72 3.93 6.73
C TYR B 227 28.47 3.52 7.99
N GLY B 228 29.79 3.40 7.86
CA GLY B 228 30.65 2.97 8.94
C GLY B 228 31.55 1.82 8.56
N THR B 229 32.64 1.63 9.29
CA THR B 229 33.57 0.55 9.03
C THR B 229 33.23 -0.65 9.91
N VAL B 230 33.10 -1.82 9.29
CA VAL B 230 32.81 -3.07 9.97
C VAL B 230 34.03 -3.98 9.87
N GLU B 231 34.48 -4.51 10.99
CA GLU B 231 35.61 -5.42 11.04
C GLU B 231 35.15 -6.78 11.52
N ILE B 232 35.30 -7.80 10.67
CA ILE B 232 34.96 -9.18 11.01
C ILE B 232 36.27 -9.89 11.31
N LEU B 233 36.39 -10.42 12.53
CA LEU B 233 37.62 -11.03 13.01
C LEU B 233 37.41 -12.51 13.27
N ASN B 234 38.16 -13.35 12.55
CA ASN B 234 38.20 -14.78 12.83
C ASN B 234 39.20 -15.01 13.96
N HIS B 235 38.69 -15.39 15.14
CA HIS B 235 39.51 -15.44 16.34
C HIS B 235 40.43 -16.66 16.41
N ARG B 236 40.25 -17.65 15.53
CA ARG B 236 41.13 -18.81 15.51
C ARG B 236 42.26 -18.69 14.49
N THR B 237 41.98 -18.15 13.31
CA THR B 237 42.98 -18.06 12.26
C THR B 237 43.63 -16.69 12.15
N GLY B 238 43.01 -15.65 12.69
CA GLY B 238 43.51 -14.30 12.56
C GLY B 238 43.06 -13.58 11.31
N HIS B 239 42.34 -14.26 10.41
CA HIS B 239 41.79 -13.58 9.24
C HIS B 239 40.85 -12.47 9.67
N LYS B 240 40.91 -11.36 8.94
CA LYS B 240 40.09 -10.20 9.26
C LYS B 240 39.53 -9.60 7.98
N CYS B 241 38.23 -9.31 7.98
CA CYS B 241 37.54 -8.69 6.84
C CYS B 241 37.12 -7.29 7.24
N VAL B 242 37.66 -6.30 6.56
CA VAL B 242 37.29 -4.89 6.74
C VAL B 242 36.24 -4.54 5.70
N LEU B 243 35.15 -3.91 6.13
CA LEU B 243 34.07 -3.50 5.24
C LEU B 243 33.79 -2.02 5.47
N HIS B 244 33.86 -1.23 4.40
CA HIS B 244 33.55 0.19 4.46
C HIS B 244 32.18 0.40 3.82
N PHE B 245 31.17 0.64 4.66
CA PHE B 245 29.87 1.09 4.17
C PHE B 245 30.01 2.56 3.82
N LYS B 246 30.11 2.85 2.53
CA LYS B 246 30.47 4.19 2.08
C LYS B 246 29.32 5.17 2.33
N PRO B 247 29.59 6.34 2.90
CA PRO B 247 28.54 7.36 3.00
C PRO B 247 28.15 7.87 1.62
N CYS B 248 27.07 8.65 1.59
CA CYS B 248 26.50 9.10 0.32
C CYS B 248 27.49 9.97 -0.45
N GLY B 249 28.16 10.88 0.25
CA GLY B 249 29.00 11.86 -0.40
C GLY B 249 28.15 12.88 -1.13
N LEU B 250 28.82 13.96 -1.53
CA LEU B 250 28.18 15.00 -2.31
C LEU B 250 27.74 14.44 -3.66
N PHE B 251 26.54 14.84 -4.08
CA PHE B 251 25.87 14.38 -5.30
C PHE B 251 25.48 12.91 -5.26
N GLY B 252 25.66 12.24 -4.11
CA GLY B 252 25.12 10.91 -3.90
C GLY B 252 25.56 9.84 -4.87
N LYS B 253 26.83 9.83 -5.25
CA LYS B 253 27.31 8.82 -6.19
C LYS B 253 27.69 7.52 -5.49
N GLU B 254 28.15 7.59 -4.24
CA GLU B 254 28.55 6.42 -3.47
C GLU B 254 27.42 5.83 -2.64
N LEU B 255 26.17 6.06 -3.04
CA LEU B 255 25.02 5.62 -2.26
C LEU B 255 24.99 4.09 -2.16
N HIS B 256 24.85 3.58 -0.94
CA HIS B 256 24.74 2.17 -0.58
C HIS B 256 25.98 1.36 -0.94
N LYS B 257 27.06 1.99 -1.40
CA LYS B 257 28.24 1.24 -1.82
C LYS B 257 28.95 0.64 -0.62
N VAL B 258 29.52 -0.55 -0.83
CA VAL B 258 30.32 -1.24 0.17
C VAL B 258 31.63 -1.65 -0.48
N GLU B 259 32.74 -1.30 0.16
CA GLU B 259 34.06 -1.69 -0.31
C GLU B 259 34.88 -2.20 0.86
N GLY B 260 35.67 -3.23 0.61
CA GLY B 260 36.49 -3.79 1.66
C GLY B 260 37.39 -4.89 1.14
N HIS B 261 37.98 -5.63 2.06
CA HIS B 261 38.95 -6.66 1.70
C HIS B 261 39.02 -7.70 2.81
N ILE B 262 39.76 -8.77 2.54
CA ILE B 262 40.03 -9.83 3.50
C ILE B 262 41.54 -9.97 3.63
N GLN B 263 42.04 -9.98 4.87
CA GLN B 263 43.45 -10.11 5.15
C GLN B 263 43.67 -11.21 6.17
N ASP B 264 44.91 -11.66 6.30
CA ASP B 264 45.26 -12.75 7.19
C ASP B 264 45.89 -12.20 8.47
N LYS B 265 46.68 -13.02 9.16
CA LYS B 265 47.30 -12.61 10.42
C LYS B 265 48.19 -11.39 10.23
N ASN B 266 48.98 -11.37 9.16
CA ASN B 266 50.03 -10.37 8.96
C ASN B 266 49.61 -9.24 8.02
N LYS B 267 48.30 -8.94 7.97
CA LYS B 267 47.75 -7.80 7.25
C LYS B 267 48.01 -7.86 5.74
N LYS B 268 48.17 -9.06 5.19
CA LYS B 268 48.33 -9.21 3.75
C LYS B 268 46.95 -9.40 3.11
N LYS B 269 46.59 -8.49 2.22
CA LYS B 269 45.28 -8.56 1.57
C LYS B 269 45.19 -9.77 0.65
N LEU B 270 44.13 -10.57 0.85
CA LEU B 270 43.93 -11.78 0.07
C LEU B 270 42.82 -11.69 -0.96
N PHE B 271 41.84 -10.80 -0.75
CA PHE B 271 40.61 -10.81 -1.54
C PHE B 271 39.87 -9.51 -1.36
N MET B 272 39.43 -8.89 -2.45
CA MET B 272 38.73 -7.62 -2.42
C MET B 272 37.23 -7.83 -2.44
N ILE B 273 36.50 -7.03 -1.66
CA ILE B 273 35.05 -7.10 -1.58
C ILE B 273 34.48 -5.77 -2.07
N TYR B 274 33.44 -5.84 -2.90
CA TYR B 274 32.77 -4.65 -3.37
C TYR B 274 31.32 -4.98 -3.71
N GLY B 275 30.52 -3.94 -3.86
CA GLY B 275 29.12 -4.09 -4.18
C GLY B 275 28.31 -3.02 -3.49
N LYS B 276 27.01 -3.31 -3.32
CA LYS B 276 26.10 -2.43 -2.61
C LYS B 276 25.18 -3.28 -1.75
N TRP B 277 25.02 -2.89 -0.48
CA TRP B 277 24.24 -3.69 0.46
C TRP B 277 22.76 -3.73 0.11
N THR B 278 22.30 -2.87 -0.81
CA THR B 278 20.92 -2.92 -1.29
C THR B 278 20.76 -3.80 -2.52
N GLU B 279 21.84 -4.38 -3.03
CA GLU B 279 21.79 -5.06 -4.32
C GLU B 279 22.55 -6.38 -4.32
N CYS B 280 23.88 -6.31 -4.27
CA CYS B 280 24.69 -7.51 -4.37
C CYS B 280 26.08 -7.24 -3.80
N LEU B 281 26.87 -8.30 -3.71
CA LEU B 281 28.23 -8.23 -3.19
C LEU B 281 29.11 -9.17 -3.99
N TRP B 282 30.19 -8.64 -4.56
CA TRP B 282 31.11 -9.41 -5.38
C TRP B 282 32.50 -9.39 -4.77
N GLY B 283 33.40 -10.16 -5.39
CA GLY B 283 34.76 -10.24 -4.89
C GLY B 283 35.71 -10.71 -5.97
N ILE B 284 36.99 -10.34 -5.81
CA ILE B 284 38.02 -10.68 -6.78
C ILE B 284 39.39 -10.54 -6.11
N ASP B 285 40.42 -11.06 -6.77
CA ASP B 285 41.77 -11.00 -6.23
C ASP B 285 42.30 -9.57 -6.24
N PRO B 286 43.29 -9.26 -5.39
CA PRO B 286 43.78 -7.87 -5.32
C PRO B 286 44.35 -7.34 -6.62
N VAL B 287 45.10 -8.16 -7.35
CA VAL B 287 45.75 -7.68 -8.58
C VAL B 287 44.71 -7.29 -9.62
N SER B 288 43.74 -8.18 -9.87
CA SER B 288 42.69 -7.89 -10.84
C SER B 288 41.85 -6.70 -10.39
N TYR B 289 41.72 -6.49 -9.09
CA TYR B 289 40.93 -5.36 -8.59
C TYR B 289 41.61 -4.04 -8.89
N GLU B 290 42.91 -3.94 -8.60
CA GLU B 290 43.63 -2.69 -8.84
C GLU B 290 43.77 -2.41 -10.33
N SER B 291 43.95 -3.44 -11.14
CA SER B 291 43.99 -3.25 -12.59
C SER B 291 42.69 -2.65 -13.10
N PHE B 292 41.57 -3.02 -12.49
CA PHE B 292 40.29 -2.44 -12.89
C PHE B 292 40.14 -1.02 -12.38
N LYS B 293 40.52 -0.76 -11.13
CA LYS B 293 40.37 0.57 -10.56
C LYS B 293 41.28 1.58 -11.26
N LYS B 294 42.40 1.12 -11.83
CA LYS B 294 43.23 2.00 -12.64
C LYS B 294 42.46 2.53 -13.84
N GLN B 295 41.85 1.62 -14.61
CA GLN B 295 41.07 2.03 -15.76
C GLN B 295 39.83 2.83 -15.35
N GLU B 296 39.28 2.54 -14.16
CA GLU B 296 38.09 3.25 -13.71
C GLU B 296 38.40 4.71 -13.41
N ARG B 297 39.52 4.97 -12.72
CA ARG B 297 39.89 6.35 -12.39
C ARG B 297 40.10 7.20 -13.64
N ARG B 298 40.41 6.57 -14.78
CA ARG B 298 40.38 7.31 -16.04
C ARG B 298 38.96 7.67 -16.43
N GLY B 299 38.01 6.76 -16.19
CA GLY B 299 36.65 6.96 -16.63
C GLY B 299 35.91 8.03 -15.85
N ASP B 300 36.17 8.16 -14.55
CA ASP B 300 35.46 9.16 -13.78
C ASP B 300 35.94 10.58 -14.05
N HIS B 301 36.95 10.75 -14.90
CA HIS B 301 37.21 12.09 -15.44
C HIS B 301 36.09 12.54 -16.37
N LEU B 302 35.54 11.60 -17.16
CA LEU B 302 34.34 11.88 -17.93
C LEU B 302 33.16 12.15 -17.01
N ARG B 303 33.09 11.44 -15.89
CA ARG B 303 31.95 11.55 -14.97
C ARG B 303 31.99 12.85 -14.18
N LYS B 304 33.14 13.20 -13.61
CA LYS B 304 33.24 14.42 -12.81
C LYS B 304 33.20 15.67 -13.66
N ALA B 305 33.12 15.56 -14.98
CA ALA B 305 33.04 16.75 -15.83
C ALA B 305 31.61 17.22 -16.00
N LYS B 306 30.63 16.32 -15.87
CA LYS B 306 29.23 16.72 -15.92
C LYS B 306 28.75 17.27 -14.59
N LEU B 307 29.32 16.78 -13.48
CA LEU B 307 29.04 17.17 -12.09
C LEU B 307 27.78 18.02 -11.85
N ASP B 317 19.61 23.40 4.16
CA ASP B 317 18.49 24.17 4.69
C ASP B 317 17.63 23.34 5.65
N VAL B 318 16.58 22.72 5.12
CA VAL B 318 15.63 21.98 5.94
C VAL B 318 15.31 20.64 5.26
N ALA B 319 15.71 20.51 4.00
CA ALA B 319 15.42 19.32 3.20
C ALA B 319 16.69 18.50 3.00
N ASP B 320 16.53 17.16 3.09
CA ASP B 320 17.62 16.20 2.90
C ASP B 320 17.11 15.12 1.95
N ASP B 321 16.84 15.52 0.71
CA ASP B 321 16.13 14.68 -0.24
C ASP B 321 17.04 13.58 -0.81
N VAL B 322 16.41 12.46 -1.13
CA VAL B 322 17.14 11.26 -1.56
C VAL B 322 17.80 11.51 -2.90
N PRO B 323 19.03 11.04 -3.13
CA PRO B 323 19.65 11.20 -4.44
C PRO B 323 18.88 10.44 -5.52
N VAL B 324 18.99 10.93 -6.76
CA VAL B 324 18.38 10.25 -7.89
C VAL B 324 18.97 8.84 -7.98
N ALA B 325 18.16 7.89 -8.48
CA ALA B 325 18.56 6.49 -8.60
C ALA B 325 19.96 6.32 -9.17
N GLN B 326 20.92 5.95 -8.32
CA GLN B 326 22.28 5.70 -8.75
C GLN B 326 22.30 4.47 -9.66
N GLU B 327 23.39 4.29 -10.40
CA GLU B 327 23.49 3.18 -11.31
C GLU B 327 23.72 1.86 -10.56
N THR B 328 23.57 0.76 -11.29
CA THR B 328 23.74 -0.56 -10.71
C THR B 328 25.23 -0.88 -10.55
N VAL B 329 25.52 -1.94 -9.82
CA VAL B 329 26.89 -2.33 -9.53
C VAL B 329 27.58 -2.76 -10.83
N GLN B 330 28.78 -2.23 -11.07
CA GLN B 330 29.60 -2.65 -12.19
C GLN B 330 30.46 -3.83 -11.75
N VAL B 331 30.28 -4.97 -12.39
CA VAL B 331 30.94 -6.20 -11.99
C VAL B 331 32.27 -6.31 -12.75
N ILE B 332 33.35 -6.39 -12.00
CA ILE B 332 34.68 -6.57 -12.60
C ILE B 332 34.76 -7.98 -13.20
N PRO B 333 35.15 -8.12 -14.47
CA PRO B 333 35.25 -9.45 -15.07
C PRO B 333 36.20 -10.35 -14.28
N GLY B 334 35.80 -11.60 -14.11
CA GLY B 334 36.55 -12.54 -13.29
C GLY B 334 36.23 -12.48 -11.81
N SER B 335 35.12 -11.84 -11.43
CA SER B 335 34.76 -11.74 -10.02
C SER B 335 33.98 -12.98 -9.59
N LYS B 336 33.86 -13.13 -8.27
CA LYS B 336 33.09 -14.21 -7.66
C LYS B 336 31.87 -13.61 -6.97
N LEU B 337 30.69 -14.09 -7.32
CA LEU B 337 29.47 -13.63 -6.68
C LEU B 337 29.40 -14.16 -5.26
N LEU B 338 29.30 -13.26 -4.28
CA LEU B 338 29.20 -13.65 -2.89
C LEU B 338 27.76 -13.68 -2.38
N TRP B 339 26.93 -12.74 -2.84
CA TRP B 339 25.55 -12.64 -2.40
C TRP B 339 24.81 -11.64 -3.28
N ARG B 340 23.59 -11.99 -3.66
CA ARG B 340 22.68 -11.06 -4.32
C ARG B 340 21.38 -11.06 -3.54
N ILE B 341 20.72 -9.91 -3.51
CA ILE B 341 19.61 -9.68 -2.59
C ILE B 341 18.35 -10.37 -3.09
N ASN B 342 17.51 -10.78 -2.15
CA ASN B 342 16.17 -11.22 -2.48
C ASN B 342 15.33 -10.04 -2.94
N THR B 343 14.60 -10.20 -4.04
CA THR B 343 13.71 -9.16 -4.50
C THR B 343 12.44 -9.16 -3.67
N ARG B 344 12.04 -8.01 -3.17
CA ARG B 344 10.86 -7.91 -2.32
C ARG B 344 9.57 -8.27 -3.05
N PRO B 345 8.60 -8.75 -2.29
CA PRO B 345 7.29 -9.16 -2.81
C PRO B 345 6.54 -7.96 -3.41
N PRO B 346 5.71 -8.22 -4.41
CA PRO B 346 4.94 -7.17 -5.06
C PRO B 346 4.02 -6.35 -4.15
N ASN B 347 3.59 -6.91 -3.02
CA ASN B 347 2.73 -6.20 -2.13
C ASN B 347 3.47 -5.58 -0.96
N SER B 348 4.79 -5.56 -1.06
CA SER B 348 5.66 -5.02 -0.03
C SER B 348 5.38 -3.59 0.44
N ALA B 349 5.13 -2.68 -0.50
CA ALA B 349 4.90 -1.30 -0.10
C ALA B 349 3.58 -1.12 0.58
N GLN B 350 2.70 -2.08 0.39
CA GLN B 350 1.40 -2.08 0.97
C GLN B 350 1.44 -2.72 2.32
N MET B 351 2.58 -3.21 2.73
CA MET B 351 2.72 -3.77 4.07
C MET B 351 4.02 -3.25 4.72
N TYR B 352 4.15 -1.93 4.79
CA TYR B 352 5.24 -1.26 5.50
C TYR B 352 6.61 -1.66 4.95
N ASN B 353 6.68 -1.98 3.66
CA ASN B 353 7.92 -2.38 2.98
C ASN B 353 8.52 -3.64 3.59
N PHE B 354 7.67 -4.54 4.08
CA PHE B 354 8.15 -5.81 4.62
C PHE B 354 8.66 -6.71 3.50
N THR B 355 9.65 -7.54 3.84
CA THR B 355 10.03 -8.64 2.98
C THR B 355 9.06 -9.81 3.19
N SER B 356 9.21 -10.84 2.36
CA SER B 356 8.42 -12.06 2.58
C SER B 356 8.76 -12.69 3.92
N PHE B 357 9.99 -12.54 4.38
CA PHE B 357 10.40 -13.08 5.67
C PHE B 357 9.79 -12.29 6.83
N THR B 358 9.52 -11.00 6.62
CA THR B 358 9.07 -10.15 7.72
C THR B 358 7.59 -10.37 8.06
N VAL B 359 6.76 -10.68 7.06
CA VAL B 359 5.33 -10.88 7.34
C VAL B 359 5.11 -12.13 8.18
N SER B 360 5.98 -13.12 8.07
CA SER B 360 5.82 -14.37 8.80
C SER B 360 6.21 -14.25 10.27
N LEU B 361 6.92 -13.18 10.64
CA LEU B 361 7.50 -13.12 11.98
C LEU B 361 6.44 -13.02 13.06
N ASN B 362 5.45 -12.15 12.88
CA ASN B 362 4.42 -11.93 13.90
C ASN B 362 3.15 -12.74 13.66
N GLU B 363 3.20 -13.74 12.78
CA GLU B 363 2.03 -14.58 12.57
C GLU B 363 1.86 -15.54 13.74
N LEU B 364 0.62 -15.73 14.16
CA LEU B 364 0.28 -16.62 15.26
C LEU B 364 -0.39 -17.85 14.67
N GLU B 365 0.42 -18.86 14.35
CA GLU B 365 -0.10 -20.12 13.84
C GLU B 365 -1.07 -20.72 14.84
N THR B 366 -2.06 -21.47 14.33
CA THR B 366 -3.21 -21.84 15.15
C THR B 366 -2.80 -22.68 16.37
N GLY B 367 -1.69 -23.38 16.30
CA GLY B 367 -1.25 -24.18 17.44
C GLY B 367 0.01 -23.64 18.08
N MET B 368 0.02 -22.33 18.39
CA MET B 368 1.22 -21.69 18.91
C MET B 368 1.03 -21.07 20.29
N GLU B 369 -0.13 -20.47 20.57
CA GLU B 369 -0.37 -19.90 21.90
C GLU B 369 -0.17 -20.94 23.00
N LYS B 370 -0.43 -22.21 22.70
CA LYS B 370 -0.26 -23.27 23.68
C LYS B 370 1.21 -23.44 24.09
N THR B 371 2.14 -23.22 23.16
CA THR B 371 3.55 -23.46 23.42
C THR B 371 4.35 -22.20 23.72
N LEU B 372 3.80 -21.03 23.42
CA LEU B 372 4.55 -19.79 23.61
C LEU B 372 4.58 -19.41 25.09
N PRO B 373 5.67 -18.78 25.53
CA PRO B 373 5.68 -18.15 26.86
C PRO B 373 4.78 -16.92 26.85
N PRO B 374 4.31 -16.48 28.01
CA PRO B 374 3.40 -15.32 28.04
C PRO B 374 4.05 -14.03 27.59
N THR B 375 5.37 -13.99 27.42
CA THR B 375 6.08 -12.77 27.04
C THR B 375 6.38 -12.68 25.56
N ASP B 376 5.99 -13.67 24.76
CA ASP B 376 6.27 -13.64 23.32
C ASP B 376 5.46 -12.53 22.67
N CYS B 377 6.14 -11.71 21.87
CA CYS B 377 5.52 -10.50 21.33
C CYS B 377 4.45 -10.78 20.29
N ARG B 378 4.25 -12.04 19.88
CA ARG B 378 3.06 -12.38 19.12
C ARG B 378 1.80 -12.14 19.94
N LEU B 379 1.92 -12.21 21.26
CA LEU B 379 0.81 -11.97 22.17
C LEU B 379 0.73 -10.51 22.61
N ARG B 380 1.58 -9.64 22.09
CA ARG B 380 1.53 -8.22 22.45
C ARG B 380 0.34 -7.58 21.76
N PRO B 381 -0.61 -7.00 22.50
CA PRO B 381 -1.90 -6.62 21.91
C PRO B 381 -1.89 -5.34 21.08
N ASP B 382 -0.98 -4.41 21.37
CA ASP B 382 -0.98 -3.16 20.61
C ASP B 382 -0.38 -3.34 19.22
N ILE B 383 0.68 -4.15 19.11
CA ILE B 383 1.21 -4.50 17.80
C ILE B 383 0.16 -5.27 17.01
N ARG B 384 -0.56 -6.17 17.68
CA ARG B 384 -1.64 -6.90 17.02
C ARG B 384 -2.75 -5.97 16.56
N GLY B 385 -3.08 -4.97 17.38
CA GLY B 385 -4.12 -4.03 17.00
C GLY B 385 -3.72 -3.19 15.79
N MET B 386 -2.48 -2.71 15.78
CA MET B 386 -1.99 -1.99 14.62
C MET B 386 -1.92 -2.89 13.38
N GLU B 387 -1.60 -4.17 13.58
CA GLU B 387 -1.57 -5.11 12.47
C GLU B 387 -2.95 -5.32 11.88
N ASN B 388 -4.00 -5.13 12.67
CA ASN B 388 -5.37 -5.19 12.19
C ASN B 388 -5.90 -3.85 11.70
N GLY B 389 -5.08 -2.80 11.76
CA GLY B 389 -5.49 -1.48 11.31
C GLY B 389 -6.25 -0.65 12.32
N ASN B 390 -6.56 -1.20 13.50
CA ASN B 390 -7.29 -0.48 14.53
C ASN B 390 -6.30 0.34 15.34
N MET B 391 -6.00 1.55 14.85
CA MET B 391 -5.01 2.41 15.48
C MET B 391 -5.49 3.02 16.79
N ASP B 392 -6.80 2.99 17.07
CA ASP B 392 -7.30 3.58 18.31
C ASP B 392 -6.92 2.72 19.51
N LEU B 393 -7.34 1.44 19.51
CA LEU B 393 -6.98 0.55 20.60
C LEU B 393 -5.48 0.31 20.66
N ALA B 394 -4.80 0.35 19.50
CA ALA B 394 -3.35 0.24 19.49
C ALA B 394 -2.70 1.38 20.27
N SER B 395 -3.28 2.58 20.17
CA SER B 395 -2.84 3.69 21.03
C SER B 395 -3.20 3.43 22.48
N GLN B 396 -4.40 2.91 22.74
CA GLN B 396 -4.83 2.66 24.12
C GLN B 396 -4.02 1.54 24.75
N GLU B 397 -3.78 0.45 24.01
CA GLU B 397 -3.02 -0.66 24.56
C GLU B 397 -1.57 -0.27 24.80
N LYS B 398 -0.98 0.51 23.90
CA LYS B 398 0.39 0.97 24.10
C LYS B 398 0.52 1.84 25.34
N GLU B 399 -0.47 2.70 25.58
CA GLU B 399 -0.49 3.49 26.81
C GLU B 399 -0.65 2.59 28.03
N ARG B 400 -1.52 1.59 27.94
CA ARG B 400 -1.77 0.71 29.08
C ARG B 400 -0.54 -0.14 29.40
N LEU B 401 0.16 -0.61 28.36
CA LEU B 401 1.33 -1.45 28.59
C LEU B 401 2.48 -0.62 29.18
N GLU B 402 2.73 0.56 28.62
CA GLU B 402 3.81 1.40 29.14
C GLU B 402 3.52 1.89 30.56
N GLU B 403 2.25 2.12 30.88
CA GLU B 403 1.90 2.51 32.25
C GLU B 403 2.02 1.33 33.20
N LYS B 404 1.57 0.16 32.77
CA LYS B 404 1.77 -1.06 33.56
C LYS B 404 3.26 -1.34 33.78
N GLN B 405 4.10 -0.93 32.84
CA GLN B 405 5.54 -1.11 32.99
C GLN B 405 6.14 -0.08 33.93
N ARG B 406 5.69 1.17 33.84
CA ARG B 406 6.15 2.19 34.78
C ARG B 406 5.73 1.87 36.20
N GLU B 407 4.48 1.41 36.38
CA GLU B 407 4.03 1.03 37.72
C GLU B 407 4.76 -0.21 38.23
N ALA B 408 5.20 -1.08 37.32
CA ALA B 408 5.93 -2.27 37.74
C ALA B 408 7.28 -1.89 38.36
N ARG B 409 8.01 -0.96 37.75
CA ARG B 409 9.29 -0.55 38.30
C ARG B 409 9.15 0.36 39.51
N ARG B 410 7.97 0.92 39.75
CA ARG B 410 7.72 1.59 41.02
C ARG B 410 7.61 0.57 42.15
N GLU B 411 6.86 -0.51 41.90
CA GLU B 411 6.73 -1.56 42.90
C GLU B 411 8.05 -2.27 43.13
N ARG B 412 8.84 -2.47 42.07
CA ARG B 412 10.16 -3.08 42.24
C ARG B 412 11.11 -2.14 42.99
N ALA B 413 10.87 -0.83 42.92
CA ALA B 413 11.61 0.11 43.75
C ALA B 413 11.01 0.22 45.14
N LYS B 414 9.68 0.06 45.25
CA LYS B 414 9.03 0.08 46.55
C LYS B 414 9.41 -1.12 47.40
N GLU B 415 9.87 -2.21 46.77
CA GLU B 415 10.39 -3.38 47.47
C GLU B 415 11.90 -3.48 47.32
N GLU B 416 12.55 -2.39 46.90
CA GLU B 416 13.99 -2.33 46.59
C GLU B 416 14.50 -3.62 45.96
N ALA B 417 13.84 -4.00 44.86
CA ALA B 417 14.15 -5.23 44.14
C ALA B 417 14.54 -4.88 42.71
N GLU B 418 15.63 -5.48 42.23
CA GLU B 418 16.08 -5.25 40.87
C GLU B 418 15.27 -6.25 39.97
N TRP B 419 15.39 -6.06 38.64
CA TRP B 419 14.76 -6.92 37.62
C TRP B 419 15.57 -8.17 37.32
N GLN B 420 14.81 -9.21 37.09
CA GLN B 420 15.39 -10.47 36.78
C GLN B 420 15.12 -10.85 35.35
N THR B 421 16.20 -10.92 34.58
CA THR B 421 16.10 -11.47 33.24
C THR B 421 15.89 -12.97 33.31
N ARG B 422 15.20 -13.51 32.31
CA ARG B 422 14.81 -14.92 32.32
C ARG B 422 15.70 -15.81 31.47
N TRP B 423 16.28 -15.29 30.39
CA TRP B 423 17.00 -16.13 29.44
C TRP B 423 18.39 -15.64 29.09
N PHE B 424 18.76 -14.42 29.45
CA PHE B 424 20.10 -13.90 29.19
C PHE B 424 20.63 -13.24 30.45
N TYR B 425 21.94 -13.36 30.66
CA TYR B 425 22.58 -12.77 31.82
C TYR B 425 23.83 -12.00 31.41
N PRO B 426 24.21 -10.99 32.18
CA PRO B 426 25.39 -10.20 31.82
C PRO B 426 26.67 -11.01 31.91
N GLY B 427 27.60 -10.71 31.01
CA GLY B 427 28.87 -11.39 30.98
C GLY B 427 29.80 -10.72 30.02
N ASN B 428 30.94 -11.37 29.80
CA ASN B 428 31.96 -10.89 28.87
C ASN B 428 32.07 -11.84 27.69
N ASN B 429 32.28 -11.28 26.52
CA ASN B 429 32.44 -12.09 25.31
C ASN B 429 33.71 -12.93 25.44
N PRO B 430 33.63 -14.25 25.32
CA PRO B 430 34.83 -15.08 25.54
C PRO B 430 35.92 -14.90 24.50
N TYR B 431 35.64 -14.20 23.39
CA TYR B 431 36.61 -14.01 22.33
C TYR B 431 37.13 -12.58 22.23
N THR B 432 36.36 -11.58 22.68
CA THR B 432 36.74 -10.19 22.54
C THR B 432 36.86 -9.43 23.85
N GLY B 433 36.33 -9.96 24.96
CA GLY B 433 36.46 -9.36 26.26
C GLY B 433 35.40 -8.30 26.59
N THR B 434 34.81 -7.68 25.57
CA THR B 434 33.78 -6.68 25.78
C THR B 434 32.60 -7.28 26.54
N PRO B 435 31.97 -6.52 27.43
CA PRO B 435 30.73 -7.00 28.06
C PRO B 435 29.68 -7.36 27.02
N ASP B 436 29.01 -8.48 27.25
CA ASP B 436 28.01 -9.01 26.34
C ASP B 436 26.85 -9.56 27.16
N TRP B 437 25.86 -10.12 26.48
CA TRP B 437 24.73 -10.78 27.14
C TRP B 437 24.69 -12.23 26.68
N LEU B 438 24.84 -13.15 27.63
CA LEU B 438 25.03 -14.56 27.34
C LEU B 438 23.72 -15.31 27.48
N TYR B 439 23.41 -16.16 26.50
CA TYR B 439 22.20 -16.95 26.53
C TYR B 439 22.28 -18.03 27.60
N ALA B 440 21.16 -18.25 28.32
CA ALA B 440 21.14 -19.23 29.39
C ALA B 440 21.27 -20.66 28.90
N GLY B 441 20.86 -20.93 27.66
CA GLY B 441 21.05 -22.23 27.06
C GLY B 441 19.93 -23.23 27.25
N ASP B 442 18.76 -22.80 27.73
CA ASP B 442 17.70 -23.75 28.06
C ASP B 442 16.31 -23.19 27.81
N TYR B 443 16.16 -22.22 26.91
CA TYR B 443 14.84 -21.68 26.63
C TYR B 443 13.91 -22.75 26.06
N PHE B 444 14.42 -23.57 25.14
CA PHE B 444 13.58 -24.53 24.43
C PHE B 444 13.29 -25.78 25.25
N GLU B 445 13.71 -25.82 26.51
CA GLU B 445 13.12 -26.78 27.45
C GLU B 445 11.72 -26.36 27.85
N ARG B 446 11.39 -25.08 27.68
CA ARG B 446 10.04 -24.54 27.82
C ARG B 446 9.53 -24.64 29.26
N ASN B 447 10.37 -24.20 30.20
CA ASN B 447 9.97 -24.04 31.60
C ASN B 447 9.64 -22.56 31.78
N PHE B 448 8.39 -22.20 31.48
CA PHE B 448 7.93 -20.82 31.46
C PHE B 448 7.14 -20.45 32.71
N SER B 449 7.37 -21.14 33.82
CA SER B 449 6.57 -20.91 35.02
C SER B 449 6.79 -19.52 35.58
N ASP B 450 8.06 -19.09 35.68
CA ASP B 450 8.41 -17.80 36.25
C ASP B 450 8.59 -16.71 35.20
N CYS B 451 7.82 -16.77 34.12
CA CYS B 451 7.88 -15.69 33.14
C CYS B 451 7.01 -14.51 33.61
N PRO B 452 7.45 -13.28 33.37
CA PRO B 452 6.73 -12.13 33.90
C PRO B 452 5.41 -11.89 33.18
N ASP B 453 4.54 -11.14 33.87
CA ASP B 453 3.25 -10.73 33.33
C ASP B 453 3.39 -9.29 32.84
N ILE B 454 3.53 -9.12 31.53
CA ILE B 454 3.80 -7.82 30.94
C ILE B 454 2.73 -7.35 29.97
N TYR B 455 1.75 -8.19 29.64
CA TYR B 455 0.71 -7.80 28.69
C TYR B 455 -0.65 -7.63 29.38
C01 IEP C . -22.95 14.30 -9.62
C02 IEP C . -23.59 14.07 -10.99
C03 IEP C . -24.94 14.78 -11.13
C04 IEP C . -24.86 16.28 -10.86
C05 IEP C . -25.85 17.07 -11.71
C06 IEP C . -26.44 18.25 -10.92
C07 IEP C . -26.76 19.43 -11.82
C08 IEP C . -28.24 19.51 -12.17
C09 IEP C . -28.53 20.44 -13.34
C10 IEP C . -29.47 21.61 -13.00
C11 IEP C . -29.90 21.68 -11.53
C12 IEP C . -31.25 21.01 -11.29
C13 IEP C . -32.39 21.70 -12.04
C14 IEP C . -33.26 20.72 -12.82
C15 IEP C . -32.45 19.69 -13.60
C16 IEP C . -33.34 18.77 -14.43
C17 IEP C . -32.71 18.38 -15.76
C18 IEP C . -33.69 17.71 -16.71
C21 IEP C . -32.89 17.50 -18.90
C22 IEP C . -31.86 18.71 -19.03
C23 IEP C . -31.06 18.80 -20.41
C29 IEP C . -29.87 16.72 -23.61
C30 IEP C . -28.40 16.66 -24.18
C31 IEP C . -28.39 15.72 -25.34
C32 IEP C . -29.60 15.76 -26.25
C33 IEP C . -30.61 16.86 -25.97
C34 IEP C . -31.12 17.02 -24.53
C49 IEP C . -31.55 21.17 -18.39
C51 IEP C . -31.11 21.90 -17.08
C52 IEP C . -31.47 23.38 -17.12
C53 IEP C . -31.70 23.95 -15.73
C54 IEP C . -32.62 25.17 -15.76
C55 IEP C . -34.07 24.79 -15.48
C56 IEP C . -35.05 25.47 -16.44
C57 IEP C . -35.60 24.47 -17.46
C58 IEP C . -37.03 24.82 -17.92
C59 IEP C . -38.03 23.69 -17.72
C60 IEP C . -37.41 22.32 -17.45
C61 IEP C . -37.08 21.55 -18.73
C62 IEP C . -36.42 20.20 -18.44
C63 IEP C . -35.43 19.80 -19.52
C64 IEP C . -36.11 19.19 -20.75
O19 IEP C . -34.77 17.45 -16.32
O20 IEP C . -32.94 17.01 -17.63
O24 IEP C . -31.05 17.54 -20.88
O26 IEP C . -29.91 15.39 -20.92
O27 IEP C . -28.78 17.22 -20.00
O28 IEP C . -29.56 17.43 -22.37
O35 IEP C . -32.07 16.13 -24.24
O36 IEP C . -31.64 16.59 -26.82
O38 IEP C . -32.73 18.69 -26.22
O39 IEP C . -32.37 18.25 -28.65
O40 IEP C . -34.01 17.06 -27.24
O41 IEP C . -28.90 15.74 -27.42
O43 IEP C . -28.36 14.11 -29.27
O44 IEP C . -29.51 16.24 -29.64
O45 IEP C . -30.39 14.10 -28.68
O46 IEP C . -27.12 15.90 -25.94
O47 IEP C . -27.96 17.91 -24.55
O48 IEP C . -32.24 19.99 -18.39
O50 IEP C . -32.58 21.71 -19.06
P25 IEP C . -29.75 16.82 -21.01
P37 IEP C . -32.66 17.65 -27.26
P42 IEP C . -29.30 15.05 -28.73
C1 IEP C . -35.10 18.53 -21.68
C2 IEP C . -35.24 19.04 -23.12
C3 IEP C . -35.10 17.84 -24.08
C4 IEP C . -36.40 17.03 -24.23
C5 IEP C . -36.66 16.49 -25.64
C01 IEP D . 14.27 -0.35 20.86
C02 IEP D . 14.69 0.56 19.71
C03 IEP D . 13.49 1.14 18.96
C04 IEP D . 13.59 0.90 17.46
C05 IEP D . 14.06 2.12 16.68
C06 IEP D . 15.43 1.92 16.04
C07 IEP D . 15.34 1.61 14.54
C08 IEP D . 14.87 2.81 13.73
C09 IEP D . 14.67 2.47 12.25
C10 IEP D . 14.14 3.66 11.44
C11 IEP D . 12.64 3.80 11.56
C12 IEP D . 12.18 5.24 11.34
C13 IEP D . 11.99 5.98 12.66
C14 IEP D . 12.37 7.44 12.59
C15 IEP D . 13.49 7.80 13.57
C16 IEP D . 12.94 8.57 14.77
C17 IEP D . 13.17 7.86 16.10
C18 IEP D . 12.36 8.46 17.20
C21 IEP D . 11.85 7.56 19.44
C22 IEP D . 11.88 8.40 20.78
C23 IEP D . 10.64 8.47 21.83
C29 IEP D . 9.26 7.15 25.19
C30 IEP D . 8.36 5.99 25.70
C31 IEP D . 9.11 5.30 26.81
C32 IEP D . 9.69 6.24 27.84
C33 IEP D . 9.53 7.74 27.62
C34 IEP D . 9.61 8.27 26.23
C49 IEP D . 13.10 10.22 21.95
C51 IEP D . 13.09 10.14 23.47
C52 IEP D . 13.62 8.82 24.04
C53 IEP D . 13.83 8.90 25.55
C54 IEP D . 14.73 7.80 26.11
C55 IEP D . 14.86 6.57 25.22
C56 IEP D . 16.19 5.85 25.48
C57 IEP D . 16.33 5.43 26.94
C58 IEP D . 17.79 5.40 27.39
C59 IEP D . 18.03 6.29 28.62
C60 IEP D . 18.44 5.47 29.84
C61 IEP D . 19.96 5.42 30.03
C62 IEP D . 20.35 5.54 31.50
C63 IEP D . 21.68 6.26 31.72
C64 IEP D . 22.71 5.40 32.46
O19 IEP D . 11.67 9.43 16.99
O20 IEP D . 12.72 8.16 18.54
O24 IEP D . 9.92 7.30 21.47
O26 IEP D . 7.50 6.92 21.79
O27 IEP D . 8.97 5.32 22.87
O28 IEP D . 8.80 7.66 23.91
O35 IEP D . 10.60 9.11 25.93
O36 IEP D . 9.84 8.62 28.61
O38 IEP D . 12.04 9.82 27.92
O39 IEP D . 12.04 7.87 29.47
O40 IEP D . 11.11 9.87 30.21
O41 IEP D . 10.03 6.00 29.15
O43 IEP D . 8.67 6.09 31.12
O44 IEP D . 10.55 4.78 31.02
O45 IEP D . 8.48 4.19 29.81
O46 IEP D . 8.49 4.22 27.34
O47 IEP D . 7.13 6.47 26.11
O48 IEP D . 13.13 8.93 21.39
O50 IEP D . 12.08 10.99 21.46
P25 IEP D . 8.77 6.76 22.52
P37 IEP D . 11.27 9.04 29.00
P42 IEP D . 9.42 5.19 30.25
C1 IEP D . 22.58 3.90 32.18
C2 IEP D . 22.17 3.11 33.43
C3 IEP D . 22.53 1.64 33.32
C4 IEP D . 24.02 1.41 33.04
C5 IEP D . 24.89 1.86 34.21
#